data_4EY7
#
_entry.id   4EY7
#
_cell.length_a   105.147
_cell.length_b   105.147
_cell.length_c   322.977
_cell.angle_alpha   90.00
_cell.angle_beta   90.00
_cell.angle_gamma   120.00
#
_symmetry.space_group_name_H-M   'P 31 2 1'
#
loop_
_entity.id
_entity.type
_entity.pdbx_description
1 polymer Acetylcholinesterase
2 branched 2-acetamido-2-deoxy-beta-D-glucopyranose-(1-4)-[alpha-L-fucopyranose-(1-6)]2-acetamido-2-deoxy-beta-D-glucopyranose
3 non-polymer 1-BENZYL-4-[(5,6-DIMETHOXY-1-INDANON-2-YL)METHYL]PIPERIDINE
4 non-polymer 1,2-ETHANEDIOL
5 non-polymer 2-acetamido-2-deoxy-beta-D-glucopyranose
6 non-polymer 'NITRATE ION'
7 water water
#
_entity_poly.entity_id   1
_entity_poly.type   'polypeptide(L)'
_entity_poly.pdbx_seq_one_letter_code
;GREDAELLVTVRGGRLRGIRLKTPGGPVSAFLGIPFAEPPMGPRRFLPPEPKQPWSGVVDATTFQSVCYQYVDTLYPGFE
GTEMWNPNRELSEDCLYLNVWTPYPRPTSPTPVLVWIYGGGFYSGASSLDVYDGRFLVQAERTVLVSMNYRVGAFGFLAL
PGSREAPGNVGLLDQRLALQWVQENVAAFGGDPTSVTLFGESAGAASVGMHLLSPPSRGLFHRAVLQSGAPNGPWATVGM
GEARRRATQLAHLVGCPPGGTGGNDTELVACLRTRPAQVLVNHEWHVLPQESVFRFSFVPVVDGDFLSDTPEALINAGDF
HGLQVLVGVVKDEGSYFLVYGAPGFSKDNESLISRAEFLAGVRVGVPQVSDLAAEAVVLHYTDWLHPEDPARLREALSDV
VGDHNVVCPVAQLAGRLAAQGARVYAYVFEHRASTLSWPLWMGVPHGYEIEFIFGIPLDPSRNYTAEEKIFAQRLMRYWA
NFARTGDPNEPRDPKAPQWPPYTAGAQQYVSLDLRPLEVRRGLRAQACAFWNRFLPKLLSAT
;
_entity_poly.pdbx_strand_id   A,B
#
loop_
_chem_comp.id
_chem_comp.type
_chem_comp.name
_chem_comp.formula
E20 non-polymer 1-BENZYL-4-[(5,6-DIMETHOXY-1-INDANON-2-YL)METHYL]PIPERIDINE 'C24 H29 N O3'
EDO non-polymer 1,2-ETHANEDIOL 'C2 H6 O2'
FUC L-saccharide, alpha linking alpha-L-fucopyranose 'C6 H12 O5'
NAG D-saccharide, beta linking 2-acetamido-2-deoxy-beta-D-glucopyranose 'C8 H15 N O6'
NO3 non-polymer 'NITRATE ION' 'N O3 -1'
#
# COMPACT_ATOMS: atom_id res chain seq x y z
N GLU A 3 -11.35 65.71 17.93
CA GLU A 3 -11.69 64.36 17.48
C GLU A 3 -10.80 63.92 16.31
N ASP A 4 -10.72 62.60 16.10
CA ASP A 4 -9.77 62.03 15.14
C ASP A 4 -10.44 61.66 13.81
N ALA A 5 -10.13 62.42 12.76
CA ALA A 5 -10.77 62.25 11.46
C ALA A 5 -10.41 60.93 10.80
N GLU A 6 -9.30 60.34 11.22
CA GLU A 6 -8.87 59.07 10.67
C GLU A 6 -9.83 57.93 11.05
N LEU A 7 -10.54 58.11 12.15
CA LEU A 7 -11.40 57.08 12.70
C LEU A 7 -12.87 57.30 12.34
N LEU A 8 -13.12 58.24 11.44
CA LEU A 8 -14.47 58.46 10.94
C LEU A 8 -14.51 58.04 9.49
N VAL A 9 -15.46 57.15 9.17
CA VAL A 9 -15.61 56.63 7.82
C VAL A 9 -17.09 56.58 7.47
N THR A 10 -17.41 56.86 6.22
CA THR A 10 -18.77 56.71 5.75
C THR A 10 -18.81 55.59 4.74
N VAL A 11 -19.63 54.60 5.01
CA VAL A 11 -19.86 53.51 4.07
C VAL A 11 -21.28 53.68 3.55
N ARG A 12 -21.67 52.85 2.61
CA ARG A 12 -22.97 52.99 1.96
C ARG A 12 -24.15 53.05 2.93
N GLY A 13 -24.06 52.32 4.03
CA GLY A 13 -25.17 52.22 4.96
C GLY A 13 -25.18 53.33 6.00
N GLY A 14 -24.13 54.14 6.04
CA GLY A 14 -24.05 55.20 7.02
C GLY A 14 -22.65 55.41 7.58
N ARG A 15 -22.58 56.12 8.71
CA ARG A 15 -21.31 56.55 9.27
C ARG A 15 -20.78 55.61 10.36
N LEU A 16 -19.46 55.49 10.44
CA LEU A 16 -18.79 54.64 11.42
C LEU A 16 -17.73 55.40 12.21
N ARG A 17 -17.55 55.01 13.47
CA ARG A 17 -16.44 55.49 14.28
C ARG A 17 -15.54 54.30 14.69
N GLY A 18 -14.27 54.39 14.33
CA GLY A 18 -13.32 53.34 14.68
C GLY A 18 -12.51 53.66 15.91
N ILE A 19 -11.39 52.96 16.04
CA ILE A 19 -10.53 53.11 17.20
C ILE A 19 -9.08 52.96 16.76
N ARG A 20 -8.20 53.73 17.39
CA ARG A 20 -6.77 53.64 17.12
C ARG A 20 -6.18 52.56 18.03
N LEU A 21 -5.36 51.69 17.45
CA LEU A 21 -4.74 50.63 18.22
C LEU A 21 -3.24 50.76 18.15
N LYS A 22 -2.55 50.30 19.19
CA LYS A 22 -1.09 50.30 19.20
C LYS A 22 -0.52 48.95 18.75
N THR A 23 0.66 48.99 18.13
CA THR A 23 1.49 47.82 17.92
C THR A 23 2.91 48.26 18.21
N PRO A 24 3.85 47.31 18.36
CA PRO A 24 5.25 47.66 18.54
C PRO A 24 5.85 48.42 17.35
N GLY A 25 5.17 48.40 16.21
CA GLY A 25 5.68 49.09 15.04
C GLY A 25 4.97 50.40 14.76
N GLY A 26 4.06 50.78 15.65
CA GLY A 26 3.26 51.98 15.44
C GLY A 26 1.77 51.70 15.37
N PRO A 27 0.96 52.78 15.30
CA PRO A 27 -0.49 52.64 15.35
C PRO A 27 -1.14 52.05 14.10
N VAL A 28 -2.40 51.72 14.26
CA VAL A 28 -3.16 51.09 13.21
C VAL A 28 -4.60 51.54 13.44
N SER A 29 -5.40 51.60 12.37
CA SER A 29 -6.81 51.94 12.50
C SER A 29 -7.67 50.69 12.43
N ALA A 30 -8.62 50.59 13.35
CA ALA A 30 -9.48 49.43 13.45
C ALA A 30 -10.94 49.85 13.49
N PHE A 31 -11.75 49.14 12.73
CA PHE A 31 -13.18 49.33 12.70
C PHE A 31 -13.80 47.96 12.94
N LEU A 32 -14.31 47.78 14.15
CA LEU A 32 -14.73 46.48 14.63
C LEU A 32 -16.22 46.47 14.87
N GLY A 33 -16.89 45.41 14.44
CA GLY A 33 -18.31 45.26 14.72
C GLY A 33 -19.20 46.08 13.79
N ILE A 34 -18.77 46.19 12.52
CA ILE A 34 -19.58 46.81 11.49
C ILE A 34 -20.66 45.85 11.01
N PRO A 35 -21.92 46.23 11.14
CA PRO A 35 -23.01 45.35 10.67
C PRO A 35 -23.04 45.23 9.14
N PHE A 36 -23.04 44.00 8.62
CA PHE A 36 -23.13 43.82 7.18
C PHE A 36 -24.40 43.12 6.69
N ALA A 37 -25.19 42.60 7.64
CA ALA A 37 -26.46 42.00 7.30
C ALA A 37 -27.47 42.36 8.36
N GLU A 38 -28.75 42.21 8.04
CA GLU A 38 -29.80 42.28 9.04
C GLU A 38 -29.61 41.10 10.00
N PRO A 39 -29.89 41.30 11.29
CA PRO A 39 -29.74 40.17 12.22
C PRO A 39 -30.63 38.99 11.82
N PRO A 40 -30.00 37.83 11.53
CA PRO A 40 -30.75 36.66 11.06
C PRO A 40 -31.47 35.95 12.21
N MET A 41 -32.49 36.62 12.76
CA MET A 41 -33.19 36.16 13.96
C MET A 41 -34.68 35.87 13.71
N GLY A 42 -35.29 35.15 14.64
CA GLY A 42 -36.69 34.81 14.53
C GLY A 42 -37.03 34.11 13.23
N PRO A 43 -37.89 34.72 12.42
CA PRO A 43 -38.28 34.11 11.14
C PRO A 43 -37.10 34.05 10.15
N ARG A 44 -36.05 34.82 10.40
CA ARG A 44 -34.86 34.80 9.54
C ARG A 44 -33.84 33.70 9.85
N ARG A 45 -34.01 32.99 10.96
CA ARG A 45 -33.15 31.85 11.27
C ARG A 45 -33.20 30.81 10.13
N PHE A 46 -32.03 30.32 9.74
CA PHE A 46 -31.87 29.33 8.65
C PHE A 46 -31.98 29.92 7.25
N LEU A 47 -32.29 31.21 7.15
CA LEU A 47 -32.50 31.85 5.86
C LEU A 47 -31.25 32.57 5.38
N PRO A 48 -31.12 32.77 4.05
CA PRO A 48 -30.04 33.59 3.49
C PRO A 48 -29.99 34.95 4.15
N PRO A 49 -28.80 35.54 4.24
CA PRO A 49 -28.66 36.86 4.86
C PRO A 49 -29.28 37.96 4.00
N GLU A 50 -29.85 38.98 4.63
CA GLU A 50 -30.32 40.17 3.92
C GLU A 50 -29.32 41.30 4.17
N PRO A 51 -29.06 42.11 3.14
CA PRO A 51 -28.17 43.27 3.31
C PRO A 51 -28.62 44.16 4.47
N LYS A 52 -27.66 44.68 5.23
CA LYS A 52 -27.97 45.56 6.34
C LYS A 52 -28.63 46.84 5.82
N GLN A 53 -29.75 47.22 6.43
N GLN A 53 -29.76 47.21 6.41
CA GLN A 53 -30.44 48.46 6.08
CA GLN A 53 -30.43 48.46 6.02
C GLN A 53 -29.65 49.66 6.60
C GLN A 53 -29.68 49.67 6.58
N PRO A 54 -29.61 50.76 5.80
CA PRO A 54 -28.92 51.98 6.22
C PRO A 54 -29.39 52.51 7.57
N TRP A 55 -28.46 53.12 8.32
CA TRP A 55 -28.73 53.64 9.64
C TRP A 55 -28.43 55.15 9.67
N SER A 56 -29.06 55.86 10.59
CA SER A 56 -28.74 57.26 10.79
C SER A 56 -27.81 57.36 11.98
N GLY A 57 -27.13 58.49 12.13
CA GLY A 57 -26.16 58.63 13.20
C GLY A 57 -24.91 57.81 12.97
N VAL A 58 -24.12 57.64 14.02
CA VAL A 58 -22.80 57.04 13.89
C VAL A 58 -22.71 55.70 14.62
N VAL A 59 -22.48 54.63 13.88
CA VAL A 59 -22.24 53.31 14.48
C VAL A 59 -20.89 53.27 15.19
N ASP A 60 -20.94 52.85 16.46
CA ASP A 60 -19.76 52.64 17.26
C ASP A 60 -19.02 51.38 16.82
N ALA A 61 -17.91 51.55 16.11
CA ALA A 61 -17.15 50.42 15.64
C ALA A 61 -15.81 50.31 16.37
N THR A 62 -15.84 50.29 17.69
CA THR A 62 -14.62 50.35 18.48
C THR A 62 -14.37 49.05 19.23
N THR A 63 -15.29 48.10 19.08
CA THR A 63 -15.23 46.87 19.85
C THR A 63 -15.77 45.66 19.07
N PHE A 64 -15.27 44.47 19.35
CA PHE A 64 -15.76 43.26 18.69
C PHE A 64 -17.21 43.01 19.05
N GLN A 65 -17.97 42.50 18.09
CA GLN A 65 -19.37 42.19 18.33
C GLN A 65 -19.52 40.72 18.74
N SER A 66 -20.76 40.31 18.97
CA SER A 66 -21.07 38.99 19.48
C SER A 66 -20.58 37.83 18.60
N VAL A 67 -20.30 36.70 19.24
CA VAL A 67 -19.93 35.48 18.54
C VAL A 67 -21.20 34.75 18.10
N CYS A 68 -21.23 34.28 16.86
CA CYS A 68 -22.36 33.50 16.37
C CYS A 68 -22.54 32.28 17.24
N TYR A 69 -23.79 31.96 17.56
CA TYR A 69 -24.12 30.82 18.42
C TYR A 69 -23.42 29.52 18.03
N GLN A 70 -22.74 28.91 19.00
CA GLN A 70 -21.94 27.74 18.73
C GLN A 70 -21.60 26.95 20.00
N TYR A 71 -21.30 25.67 19.80
CA TYR A 71 -20.83 24.76 20.84
C TYR A 71 -19.56 25.32 21.47
N VAL A 72 -19.42 25.14 22.79
CA VAL A 72 -18.23 25.57 23.52
C VAL A 72 -17.44 24.35 23.97
N ASP A 73 -16.20 24.23 23.51
CA ASP A 73 -15.35 23.08 23.78
C ASP A 73 -15.02 22.94 25.26
N THR A 74 -15.53 21.89 25.90
CA THR A 74 -15.25 21.66 27.33
C THR A 74 -14.35 20.45 27.63
N LEU A 75 -13.58 20.01 26.64
CA LEU A 75 -12.74 18.82 26.82
C LEU A 75 -11.75 18.94 27.99
N TYR A 76 -11.03 20.04 28.04
CA TYR A 76 -10.10 20.26 29.15
C TYR A 76 -10.36 21.63 29.77
N PRO A 77 -11.37 21.73 30.64
CA PRO A 77 -11.80 23.01 31.23
C PRO A 77 -10.65 23.78 31.85
N GLY A 78 -10.41 25.00 31.36
CA GLY A 78 -9.39 25.86 31.91
C GLY A 78 -8.10 25.82 31.10
N PHE A 79 -7.87 24.72 30.43
CA PHE A 79 -6.67 24.55 29.62
C PHE A 79 -6.60 25.60 28.50
N GLU A 80 -5.51 26.34 28.45
CA GLU A 80 -5.29 27.35 27.42
C GLU A 80 -5.40 26.79 26.01
N GLY A 81 -4.98 25.53 25.83
CA GLY A 81 -4.92 24.91 24.52
C GLY A 81 -6.27 24.72 23.86
N THR A 82 -7.30 24.51 24.66
CA THR A 82 -8.66 24.43 24.14
C THR A 82 -9.38 25.79 24.25
N GLU A 83 -9.07 26.56 25.28
CA GLU A 83 -9.81 27.79 25.55
C GLU A 83 -9.55 28.90 24.54
N MET A 84 -8.32 28.95 24.00
CA MET A 84 -7.96 29.98 23.04
C MET A 84 -8.84 29.97 21.78
N TRP A 85 -9.60 28.88 21.56
CA TRP A 85 -10.46 28.73 20.38
C TRP A 85 -11.92 28.98 20.69
N ASN A 86 -12.25 29.02 21.97
CA ASN A 86 -13.63 29.21 22.42
C ASN A 86 -14.09 30.66 22.30
N PRO A 87 -15.42 30.87 22.22
CA PRO A 87 -15.95 32.24 22.14
C PRO A 87 -15.36 33.15 23.21
N ASN A 88 -14.90 34.33 22.81
CA ASN A 88 -14.37 35.31 23.75
C ASN A 88 -15.24 36.58 23.80
N ARG A 89 -16.45 36.48 23.27
CA ARG A 89 -17.50 37.48 23.44
C ARG A 89 -18.80 36.72 23.64
N GLU A 90 -19.87 37.42 24.01
CA GLU A 90 -21.15 36.76 24.25
C GLU A 90 -21.71 36.12 22.99
N LEU A 91 -22.43 35.01 23.17
CA LEU A 91 -23.07 34.32 22.06
C LEU A 91 -24.34 35.04 21.66
N SER A 92 -24.57 35.14 20.36
CA SER A 92 -25.82 35.71 19.87
C SER A 92 -26.09 35.28 18.43
N GLU A 93 -27.35 35.19 18.06
CA GLU A 93 -27.69 35.00 16.64
C GLU A 93 -27.53 36.31 15.88
N ASP A 94 -27.49 37.42 16.61
CA ASP A 94 -27.24 38.73 16.03
C ASP A 94 -25.74 38.84 16.01
N CYS A 95 -25.11 38.29 14.97
CA CYS A 95 -23.67 38.12 14.98
C CYS A 95 -23.01 38.47 13.66
N LEU A 96 -23.80 38.92 12.69
CA LEU A 96 -23.27 39.18 11.37
C LEU A 96 -22.61 40.56 11.28
N TYR A 97 -21.38 40.64 11.79
CA TYR A 97 -20.58 41.85 11.75
C TYR A 97 -19.24 41.50 11.16
N LEU A 98 -18.56 42.51 10.61
CA LEU A 98 -17.21 42.29 10.08
C LEU A 98 -16.28 43.38 10.63
N ASN A 99 -14.97 43.17 10.47
CA ASN A 99 -13.98 44.09 11.00
C ASN A 99 -13.02 44.51 9.90
N VAL A 100 -12.61 45.77 9.94
CA VAL A 100 -11.61 46.27 9.00
C VAL A 100 -10.44 46.88 9.79
N TRP A 101 -9.23 46.42 9.49
CA TRP A 101 -8.01 47.03 10.02
C TRP A 101 -7.31 47.71 8.85
N THR A 102 -6.73 48.87 9.10
CA THR A 102 -6.05 49.59 8.05
C THR A 102 -4.88 50.38 8.66
N PRO A 103 -3.86 50.69 7.85
CA PRO A 103 -2.75 51.50 8.38
C PRO A 103 -3.20 52.85 8.95
N TYR A 104 -2.35 53.45 9.78
CA TYR A 104 -2.62 54.76 10.35
C TYR A 104 -1.49 55.71 9.96
N PRO A 105 -1.85 56.87 9.38
CA PRO A 105 -3.23 57.25 9.09
C PRO A 105 -3.74 56.45 7.89
N ARG A 106 -5.06 56.42 7.67
CA ARG A 106 -5.64 55.66 6.58
C ARG A 106 -4.90 55.87 5.27
N PRO A 107 -4.67 54.79 4.52
CA PRO A 107 -4.02 54.92 3.22
C PRO A 107 -4.85 55.84 2.34
N THR A 108 -4.19 56.70 1.59
CA THR A 108 -4.91 57.61 0.71
C THR A 108 -4.82 57.14 -0.73
N SER A 109 -4.30 55.92 -0.91
CA SER A 109 -4.24 55.29 -2.23
C SER A 109 -4.54 53.80 -2.12
N PRO A 110 -5.11 53.19 -3.18
CA PRO A 110 -5.57 51.78 -3.18
C PRO A 110 -4.55 50.81 -2.60
N THR A 111 -4.91 50.22 -1.47
CA THR A 111 -4.08 49.24 -0.76
C THR A 111 -4.65 47.83 -0.93
N PRO A 112 -3.79 46.83 -1.21
CA PRO A 112 -4.21 45.43 -1.35
C PRO A 112 -4.92 44.90 -0.11
N VAL A 113 -6.00 44.15 -0.33
CA VAL A 113 -6.86 43.68 0.75
C VAL A 113 -6.71 42.18 1.02
N LEU A 114 -6.54 41.84 2.29
CA LEU A 114 -6.59 40.45 2.74
C LEU A 114 -7.91 40.22 3.49
N VAL A 115 -8.63 39.17 3.13
CA VAL A 115 -9.86 38.83 3.81
C VAL A 115 -9.75 37.50 4.54
N TRP A 116 -9.90 37.51 5.84
CA TRP A 116 -9.74 36.32 6.66
C TRP A 116 -11.08 35.60 6.90
N ILE A 117 -11.11 34.30 6.63
CA ILE A 117 -12.27 33.47 6.99
C ILE A 117 -11.82 32.41 8.00
N TYR A 118 -12.34 32.48 9.23
CA TYR A 118 -11.88 31.55 10.27
C TYR A 118 -12.37 30.14 10.03
N GLY A 119 -11.67 29.18 10.62
CA GLY A 119 -12.10 27.79 10.64
C GLY A 119 -12.78 27.45 11.96
N GLY A 120 -12.86 26.16 12.27
CA GLY A 120 -13.63 25.70 13.40
C GLY A 120 -14.68 24.69 12.94
N GLY A 121 -14.33 23.90 11.93
CA GLY A 121 -15.17 22.83 11.42
C GLY A 121 -16.58 23.18 10.97
N PHE A 122 -16.82 24.45 10.66
CA PHE A 122 -18.18 24.96 10.36
C PHE A 122 -19.15 24.91 11.54
N TYR A 123 -18.67 24.52 12.72
CA TYR A 123 -19.52 24.49 13.92
C TYR A 123 -19.11 25.57 14.93
N SER A 124 -17.98 26.21 14.68
CA SER A 124 -17.47 27.19 15.64
C SER A 124 -16.53 28.19 14.98
N GLY A 125 -16.08 29.15 15.79
CA GLY A 125 -15.10 30.13 15.37
C GLY A 125 -15.65 31.52 15.56
N ALA A 126 -14.77 32.52 15.48
CA ALA A 126 -15.17 33.92 15.58
C ALA A 126 -14.03 34.79 15.06
N SER A 127 -14.37 35.96 14.51
CA SER A 127 -13.36 36.89 14.05
C SER A 127 -12.67 37.61 15.22
N SER A 128 -13.27 37.53 16.40
CA SER A 128 -12.77 38.26 17.57
C SER A 128 -11.68 37.53 18.34
N LEU A 129 -11.34 36.32 17.92
CA LEU A 129 -10.33 35.54 18.64
C LEU A 129 -8.98 36.24 18.61
N ASP A 130 -8.24 36.14 19.72
CA ASP A 130 -6.92 36.77 19.87
C ASP A 130 -5.97 36.38 18.75
N VAL A 131 -6.01 35.12 18.35
CA VAL A 131 -5.07 34.60 17.39
C VAL A 131 -5.32 35.17 15.98
N TYR A 132 -6.47 35.81 15.76
CA TYR A 132 -6.81 36.41 14.46
C TYR A 132 -6.67 37.94 14.45
N ASP A 133 -6.00 38.51 15.45
CA ASP A 133 -5.79 39.96 15.54
C ASP A 133 -5.06 40.51 14.31
N GLY A 134 -5.75 41.34 13.52
CA GLY A 134 -5.15 41.85 12.30
C GLY A 134 -4.13 42.97 12.43
N ARG A 135 -3.94 43.50 13.65
CA ARG A 135 -3.14 44.72 13.80
C ARG A 135 -1.68 44.59 13.34
N PHE A 136 -1.07 43.41 13.50
CA PHE A 136 0.36 43.26 13.20
C PHE A 136 0.63 43.16 11.69
N LEU A 137 -0.28 42.51 10.96
CA LEU A 137 -0.11 42.31 9.52
C LEU A 137 -0.29 43.63 8.81
N VAL A 138 -1.29 44.38 9.28
CA VAL A 138 -1.59 45.65 8.66
C VAL A 138 -0.43 46.61 8.86
N GLN A 139 0.10 46.69 10.07
CA GLN A 139 1.23 47.56 10.35
C GLN A 139 2.45 47.15 9.54
N ALA A 140 2.81 45.87 9.63
CA ALA A 140 4.08 45.40 9.06
C ALA A 140 4.10 45.35 7.54
N GLU A 141 2.95 45.05 6.95
CA GLU A 141 2.94 44.77 5.52
C GLU A 141 2.08 45.76 4.75
N ARG A 142 1.46 46.68 5.48
CA ARG A 142 0.69 47.77 4.90
C ARG A 142 -0.38 47.30 3.93
N THR A 143 -1.20 46.38 4.42
CA THR A 143 -2.36 45.91 3.70
C THR A 143 -3.60 46.42 4.44
N VAL A 144 -4.75 46.25 3.81
CA VAL A 144 -6.02 46.34 4.53
C VAL A 144 -6.48 44.89 4.82
N LEU A 145 -6.93 44.66 6.06
CA LEU A 145 -7.33 43.33 6.49
C LEU A 145 -8.79 43.39 6.89
N VAL A 146 -9.58 42.47 6.33
CA VAL A 146 -10.99 42.36 6.68
C VAL A 146 -11.27 40.96 7.19
N SER A 147 -12.08 40.84 8.24
CA SER A 147 -12.55 39.53 8.66
C SER A 147 -14.02 39.63 9.04
N MET A 148 -14.78 38.57 8.80
CA MET A 148 -16.20 38.60 9.10
C MET A 148 -16.59 37.44 10.01
N ASN A 149 -17.69 37.61 10.74
CA ASN A 149 -18.34 36.48 11.37
C ASN A 149 -19.36 35.90 10.39
N TYR A 150 -19.49 34.58 10.39
CA TYR A 150 -20.52 33.93 9.59
C TYR A 150 -21.18 32.86 10.43
N ARG A 151 -22.44 32.56 10.14
CA ARG A 151 -23.18 31.57 10.93
C ARG A 151 -22.59 30.17 10.85
N VAL A 152 -22.52 29.50 11.99
CA VAL A 152 -21.96 28.15 12.05
C VAL A 152 -22.99 27.19 12.63
N GLY A 153 -22.65 25.90 12.61
CA GLY A 153 -23.54 24.87 13.12
C GLY A 153 -24.86 24.90 12.39
N ALA A 154 -25.93 24.44 13.05
CA ALA A 154 -27.25 24.43 12.43
C ALA A 154 -27.66 25.80 11.87
N PHE A 155 -27.28 26.85 12.58
CA PHE A 155 -27.68 28.20 12.18
C PHE A 155 -27.15 28.60 10.80
N GLY A 156 -25.98 28.08 10.45
CA GLY A 156 -25.40 28.39 9.16
C GLY A 156 -25.56 27.31 8.10
N PHE A 157 -25.83 26.07 8.53
CA PHE A 157 -25.71 24.93 7.61
C PHE A 157 -26.74 23.82 7.74
N LEU A 158 -27.75 24.00 8.61
CA LEU A 158 -28.84 23.03 8.63
C LEU A 158 -29.56 23.13 7.29
N ALA A 159 -29.79 21.97 6.67
CA ALA A 159 -30.37 21.96 5.33
C ALA A 159 -31.47 20.92 5.21
N LEU A 160 -32.61 21.36 4.70
CA LEU A 160 -33.61 20.45 4.16
C LEU A 160 -33.65 20.74 2.67
N PRO A 161 -32.84 20.00 1.90
CA PRO A 161 -32.62 20.27 0.48
C PRO A 161 -33.91 20.35 -0.31
N GLY A 162 -34.06 21.40 -1.10
CA GLY A 162 -35.29 21.62 -1.84
C GLY A 162 -36.20 22.63 -1.17
N SER A 163 -36.16 22.68 0.16
CA SER A 163 -37.04 23.57 0.91
C SER A 163 -36.61 25.02 0.84
N ARG A 164 -37.56 25.93 1.01
CA ARG A 164 -37.26 27.34 0.99
C ARG A 164 -36.93 27.81 2.40
N GLU A 165 -37.46 27.12 3.39
CA GLU A 165 -37.31 27.54 4.79
C GLU A 165 -35.94 27.22 5.39
N ALA A 166 -35.25 26.25 4.81
CA ALA A 166 -33.88 25.91 5.23
C ALA A 166 -33.07 25.32 4.07
N PRO A 167 -32.65 26.18 3.15
CA PRO A 167 -32.04 25.75 1.87
C PRO A 167 -30.60 25.26 2.04
N GLY A 168 -30.00 25.53 3.19
CA GLY A 168 -28.62 25.15 3.43
C GLY A 168 -27.64 26.21 2.95
N ASN A 169 -26.39 26.07 3.40
CA ASN A 169 -25.29 26.91 2.96
C ASN A 169 -25.38 28.40 3.32
N VAL A 170 -26.28 28.77 4.22
CA VAL A 170 -26.47 30.21 4.49
C VAL A 170 -25.23 30.87 5.14
N GLY A 171 -24.45 30.09 5.87
CA GLY A 171 -23.21 30.60 6.42
C GLY A 171 -22.22 30.95 5.33
N LEU A 172 -22.23 30.17 4.25
CA LEU A 172 -21.42 30.46 3.07
C LEU A 172 -21.91 31.76 2.42
N LEU A 173 -23.23 31.93 2.38
CA LEU A 173 -23.81 33.19 1.87
C LEU A 173 -23.49 34.38 2.77
N ASP A 174 -23.39 34.16 4.09
CA ASP A 174 -22.93 35.21 4.99
C ASP A 174 -21.56 35.70 4.54
N GLN A 175 -20.70 34.75 4.17
CA GLN A 175 -19.35 35.10 3.70
C GLN A 175 -19.40 35.88 2.37
N ARG A 176 -20.26 35.43 1.46
CA ARG A 176 -20.37 36.07 0.15
C ARG A 176 -20.87 37.50 0.29
N LEU A 177 -21.86 37.67 1.16
CA LEU A 177 -22.40 39.00 1.40
C LEU A 177 -21.30 39.92 1.95
N ALA A 178 -20.46 39.39 2.86
CA ALA A 178 -19.32 40.19 3.36
C ALA A 178 -18.35 40.53 2.24
N LEU A 179 -18.09 39.59 1.34
CA LEU A 179 -17.22 39.86 0.20
C LEU A 179 -17.81 40.94 -0.73
N GLN A 180 -19.13 40.88 -0.94
CA GLN A 180 -19.83 41.94 -1.66
C GLN A 180 -19.73 43.27 -0.91
N TRP A 181 -19.82 43.23 0.42
CA TRP A 181 -19.67 44.44 1.22
C TRP A 181 -18.29 45.04 0.97
N VAL A 182 -17.28 44.17 0.87
CA VAL A 182 -15.91 44.63 0.65
C VAL A 182 -15.78 45.33 -0.70
N GLN A 183 -16.33 44.71 -1.75
CA GLN A 183 -16.35 45.30 -3.08
C GLN A 183 -16.92 46.71 -3.07
N GLU A 184 -17.99 46.90 -2.32
CA GLU A 184 -18.70 48.17 -2.30
C GLU A 184 -18.15 49.22 -1.33
N ASN A 185 -17.46 48.77 -0.28
CA ASN A 185 -17.12 49.68 0.80
C ASN A 185 -15.65 49.80 1.18
N VAL A 186 -14.81 48.90 0.67
CA VAL A 186 -13.46 48.82 1.20
C VAL A 186 -12.62 50.03 0.79
N ALA A 187 -12.96 50.63 -0.35
CA ALA A 187 -12.26 51.82 -0.83
C ALA A 187 -12.34 52.95 0.20
N ALA A 188 -13.45 53.01 0.92
CA ALA A 188 -13.64 54.07 1.91
C ALA A 188 -12.62 53.96 3.05
N PHE A 189 -11.89 52.85 3.10
CA PHE A 189 -10.89 52.63 4.13
C PHE A 189 -9.48 52.69 3.56
N GLY A 190 -9.37 52.86 2.25
CA GLY A 190 -8.08 52.88 1.59
C GLY A 190 -7.78 51.58 0.87
N GLY A 191 -8.74 50.65 0.90
CA GLY A 191 -8.53 49.35 0.31
C GLY A 191 -8.83 49.33 -1.17
N ASP A 192 -8.20 48.43 -1.89
CA ASP A 192 -8.38 48.30 -3.33
C ASP A 192 -9.22 47.06 -3.62
N PRO A 193 -10.51 47.27 -3.96
CA PRO A 193 -11.46 46.20 -4.28
C PRO A 193 -11.05 45.34 -5.48
N THR A 194 -10.12 45.84 -6.27
CA THR A 194 -9.59 45.10 -7.42
C THR A 194 -8.40 44.21 -7.03
N SER A 195 -8.00 44.27 -5.76
CA SER A 195 -6.95 43.38 -5.25
C SER A 195 -7.31 42.75 -3.90
N VAL A 196 -8.17 41.73 -3.95
CA VAL A 196 -8.67 41.09 -2.75
C VAL A 196 -8.18 39.64 -2.68
N THR A 197 -7.43 39.31 -1.63
CA THR A 197 -6.94 37.95 -1.43
C THR A 197 -7.67 37.32 -0.24
N LEU A 198 -8.29 36.17 -0.49
CA LEU A 198 -8.94 35.40 0.58
C LEU A 198 -7.93 34.47 1.24
N PHE A 199 -7.91 34.45 2.57
CA PHE A 199 -7.16 33.44 3.29
C PHE A 199 -7.97 32.89 4.45
N GLY A 200 -7.79 31.60 4.72
CA GLY A 200 -8.60 30.93 5.72
C GLY A 200 -7.90 29.67 6.13
N GLU A 201 -8.28 29.14 7.29
CA GLU A 201 -7.65 27.94 7.81
C GLU A 201 -8.72 26.92 8.15
N SER A 202 -8.38 25.64 8.00
CA SER A 202 -9.32 24.52 8.14
C SER A 202 -10.66 24.81 7.45
N ALA A 203 -11.77 24.82 8.19
CA ALA A 203 -13.07 25.10 7.56
C ALA A 203 -13.08 26.45 6.81
N GLY A 204 -12.24 27.40 7.26
CA GLY A 204 -12.00 28.63 6.54
C GLY A 204 -11.34 28.44 5.19
N ALA A 205 -10.34 27.56 5.15
CA ALA A 205 -9.69 27.18 3.90
C ALA A 205 -10.68 26.50 2.98
N ALA A 206 -11.50 25.61 3.53
CA ALA A 206 -12.50 24.90 2.75
C ALA A 206 -13.48 25.90 2.16
N SER A 207 -13.80 26.92 2.95
CA SER A 207 -14.67 28.01 2.53
C SER A 207 -14.09 28.77 1.34
N VAL A 208 -12.82 29.19 1.47
CA VAL A 208 -12.10 29.81 0.37
C VAL A 208 -12.25 28.98 -0.90
N GLY A 209 -11.94 27.69 -0.79
CA GLY A 209 -12.04 26.78 -1.91
C GLY A 209 -13.44 26.73 -2.51
N MET A 210 -14.46 26.82 -1.67
CA MET A 210 -15.82 26.75 -2.15
C MET A 210 -16.20 27.99 -2.91
N HIS A 211 -15.69 29.13 -2.46
CA HIS A 211 -15.87 30.38 -3.19
C HIS A 211 -15.18 30.32 -4.56
N LEU A 212 -14.06 29.60 -4.65
CA LEU A 212 -13.39 29.38 -5.93
C LEU A 212 -14.27 28.61 -6.91
N LEU A 213 -15.10 27.71 -6.37
CA LEU A 213 -15.85 26.78 -7.22
C LEU A 213 -17.29 27.22 -7.42
N SER A 214 -17.63 28.38 -6.86
CA SER A 214 -18.97 28.93 -7.02
C SER A 214 -18.89 30.24 -7.79
N PRO A 215 -19.40 30.26 -9.03
CA PRO A 215 -19.27 31.45 -9.90
C PRO A 215 -19.76 32.79 -9.32
N PRO A 216 -20.88 32.83 -8.56
CA PRO A 216 -21.23 34.14 -8.00
C PRO A 216 -20.22 34.74 -7.02
N SER A 217 -19.34 33.92 -6.45
CA SER A 217 -18.30 34.41 -5.55
C SER A 217 -17.02 34.76 -6.29
N ARG A 218 -16.80 34.08 -7.40
CA ARG A 218 -15.53 34.14 -8.11
C ARG A 218 -15.18 35.57 -8.56
N GLY A 219 -16.19 36.41 -8.75
CA GLY A 219 -15.94 37.80 -9.08
C GLY A 219 -15.73 38.72 -7.90
N LEU A 220 -15.64 38.16 -6.70
CA LEU A 220 -15.49 38.98 -5.49
C LEU A 220 -14.08 39.00 -4.94
N PHE A 221 -13.16 38.32 -5.61
CA PHE A 221 -11.79 38.25 -5.12
C PHE A 221 -10.86 37.79 -6.24
N HIS A 222 -9.55 37.82 -5.98
CA HIS A 222 -8.58 37.65 -7.04
C HIS A 222 -7.56 36.54 -6.77
N ARG A 223 -7.18 36.36 -5.51
CA ARG A 223 -6.26 35.29 -5.14
C ARG A 223 -6.77 34.54 -3.92
N ALA A 224 -6.23 33.35 -3.72
CA ALA A 224 -6.71 32.48 -2.64
C ALA A 224 -5.58 31.83 -1.85
N VAL A 225 -5.77 31.72 -0.54
CA VAL A 225 -4.85 31.02 0.33
C VAL A 225 -5.63 30.00 1.13
N LEU A 226 -5.23 28.73 1.04
CA LEU A 226 -5.91 27.66 1.76
C LEU A 226 -4.97 26.99 2.76
N GLN A 227 -5.18 27.26 4.04
CA GLN A 227 -4.33 26.72 5.09
C GLN A 227 -5.00 25.52 5.78
N SER A 228 -4.39 24.34 5.64
CA SER A 228 -4.83 23.14 6.36
C SER A 228 -6.29 22.82 6.11
N GLY A 229 -6.74 22.94 4.86
CA GLY A 229 -8.13 22.68 4.57
C GLY A 229 -8.42 22.82 3.10
N ALA A 230 -9.48 22.15 2.65
CA ALA A 230 -9.83 22.12 1.25
C ALA A 230 -11.32 21.78 1.15
N PRO A 231 -12.00 22.31 0.13
CA PRO A 231 -13.43 22.06 -0.05
C PRO A 231 -13.73 20.59 -0.32
N ASN A 232 -12.73 19.85 -0.83
CA ASN A 232 -12.91 18.44 -1.16
C ASN A 232 -12.62 17.51 0.02
N GLY A 233 -12.27 18.08 1.17
CA GLY A 233 -12.16 17.27 2.38
C GLY A 233 -13.42 16.47 2.70
N PRO A 234 -13.26 15.20 3.14
CA PRO A 234 -14.37 14.31 3.51
C PRO A 234 -15.26 14.87 4.63
N TRP A 235 -14.78 15.86 5.35
CA TRP A 235 -15.59 16.52 6.38
C TRP A 235 -16.29 17.80 5.91
N ALA A 236 -15.84 18.37 4.80
CA ALA A 236 -16.23 19.75 4.42
C ALA A 236 -17.58 19.86 3.69
N THR A 237 -18.08 18.75 3.18
CA THR A 237 -19.41 18.76 2.58
C THR A 237 -20.20 17.52 3.01
N VAL A 238 -21.51 17.59 2.81
CA VAL A 238 -22.37 16.45 3.09
C VAL A 238 -23.38 16.34 1.95
N GLY A 239 -23.84 15.11 1.67
CA GLY A 239 -24.83 14.89 0.63
C GLY A 239 -26.21 15.35 1.06
N MET A 240 -27.09 15.57 0.08
CA MET A 240 -28.46 16.01 0.35
C MET A 240 -29.21 15.06 1.29
N GLY A 241 -29.13 13.76 0.98
CA GLY A 241 -29.79 12.75 1.78
C GLY A 241 -29.39 12.79 3.25
N GLU A 242 -28.08 12.83 3.51
CA GLU A 242 -27.57 12.83 4.87
C GLU A 242 -27.83 14.17 5.58
N ALA A 243 -27.80 15.27 4.84
CA ALA A 243 -28.14 16.57 5.43
C ALA A 243 -29.56 16.55 5.93
N ARG A 244 -30.47 15.98 5.13
CA ARG A 244 -31.88 15.89 5.49
C ARG A 244 -32.06 15.00 6.71
N ARG A 245 -31.30 13.92 6.78
CA ARG A 245 -31.43 13.01 7.90
C ARG A 245 -30.99 13.70 9.19
N ARG A 246 -29.85 14.39 9.12
CA ARG A 246 -29.30 15.07 10.29
C ARG A 246 -30.21 16.19 10.78
N ALA A 247 -30.80 16.92 9.84
CA ALA A 247 -31.74 18.00 10.17
C ALA A 247 -32.97 17.39 10.83
N THR A 248 -33.41 16.25 10.29
CA THR A 248 -34.61 15.60 10.79
C THR A 248 -34.39 15.03 12.18
N GLN A 249 -33.21 14.46 12.42
CA GLN A 249 -32.89 13.94 13.74
C GLN A 249 -32.74 15.05 14.77
N LEU A 250 -32.24 16.21 14.34
CA LEU A 250 -32.13 17.33 15.26
C LEU A 250 -33.52 17.78 15.69
N ALA A 251 -34.45 17.81 14.74
CA ALA A 251 -35.81 18.23 15.05
C ALA A 251 -36.39 17.29 16.08
N HIS A 252 -36.23 15.99 15.84
CA HIS A 252 -36.69 14.98 16.79
C HIS A 252 -36.09 15.14 18.19
N LEU A 253 -34.79 15.37 18.27
CA LEU A 253 -34.10 15.48 19.55
C LEU A 253 -34.51 16.70 20.38
N VAL A 254 -35.06 17.72 19.73
CA VAL A 254 -35.49 18.92 20.44
C VAL A 254 -37.02 19.06 20.45
N GLY A 255 -37.72 17.95 20.17
CA GLY A 255 -39.16 17.90 20.35
C GLY A 255 -40.01 18.43 19.21
N CYS A 256 -39.42 18.55 18.02
CA CYS A 256 -40.15 19.02 16.85
C CYS A 256 -40.53 17.87 15.91
N PRO A 257 -41.63 18.03 15.16
CA PRO A 257 -42.08 17.01 14.21
C PRO A 257 -41.16 16.89 13.00
N ASN A 264 -43.49 17.37 6.30
CA ASN A 264 -43.67 18.77 5.91
C ASN A 264 -42.53 19.65 6.42
N ASP A 265 -41.63 20.04 5.52
CA ASP A 265 -40.48 20.85 5.86
C ASP A 265 -40.87 22.17 6.54
N THR A 266 -41.91 22.83 6.03
CA THR A 266 -42.37 24.09 6.58
C THR A 266 -42.64 24.01 8.09
N GLU A 267 -43.37 22.97 8.50
CA GLU A 267 -43.71 22.77 9.92
C GLU A 267 -42.46 22.46 10.73
N LEU A 268 -41.60 21.64 10.17
CA LEU A 268 -40.37 21.21 10.84
C LEU A 268 -39.50 22.43 11.15
N VAL A 269 -39.24 23.26 10.15
CA VAL A 269 -38.42 24.45 10.35
C VAL A 269 -39.10 25.45 11.30
N ALA A 270 -40.42 25.58 11.19
CA ALA A 270 -41.17 26.52 12.02
C ALA A 270 -41.05 26.14 13.49
N CYS A 271 -41.11 24.84 13.78
CA CYS A 271 -40.92 24.36 15.13
C CYS A 271 -39.47 24.59 15.60
N LEU A 272 -38.50 24.32 14.72
CA LEU A 272 -37.09 24.60 15.03
C LEU A 272 -36.87 26.07 15.34
N ARG A 273 -37.56 26.95 14.63
CA ARG A 273 -37.40 28.39 14.84
C ARG A 273 -37.88 28.85 16.21
N THR A 274 -38.70 28.06 16.89
CA THR A 274 -39.21 28.45 18.20
C THR A 274 -38.24 28.06 19.32
N ARG A 275 -37.21 27.30 18.98
CA ARG A 275 -36.31 26.80 19.99
C ARG A 275 -35.21 27.81 20.29
N PRO A 276 -34.85 27.95 21.58
CA PRO A 276 -33.69 28.78 21.91
C PRO A 276 -32.46 28.24 21.19
N ALA A 277 -31.63 29.13 20.67
CA ALA A 277 -30.39 28.75 19.99
C ALA A 277 -29.59 27.69 20.74
N GLN A 278 -29.45 27.90 22.05
CA GLN A 278 -28.67 27.00 22.90
C GLN A 278 -29.20 25.56 22.86
N VAL A 279 -30.50 25.41 22.67
CA VAL A 279 -31.09 24.09 22.63
C VAL A 279 -30.62 23.31 21.40
N LEU A 280 -30.57 23.98 20.25
CA LEU A 280 -30.04 23.33 19.04
C LEU A 280 -28.59 22.94 19.26
N VAL A 281 -27.82 23.84 19.84
CA VAL A 281 -26.42 23.57 20.13
C VAL A 281 -26.24 22.33 21.02
N ASN A 282 -27.10 22.17 22.03
CA ASN A 282 -26.96 21.08 22.99
C ASN A 282 -27.14 19.67 22.40
N HIS A 283 -27.77 19.57 21.25
CA HIS A 283 -27.98 18.27 20.63
C HIS A 283 -27.18 18.10 19.32
N GLU A 284 -26.30 19.05 19.03
CA GLU A 284 -25.62 19.12 17.73
C GLU A 284 -24.83 17.84 17.40
N TRP A 285 -23.97 17.43 18.33
CA TRP A 285 -23.07 16.31 18.09
C TRP A 285 -23.80 14.98 17.98
N HIS A 286 -25.04 14.95 18.45
CA HIS A 286 -25.82 13.73 18.49
C HIS A 286 -26.46 13.32 17.16
N VAL A 287 -26.38 14.17 16.14
CA VAL A 287 -26.91 13.74 14.83
C VAL A 287 -25.85 13.08 13.95
N LEU A 288 -24.61 13.03 14.44
CA LEU A 288 -23.59 12.28 13.73
C LEU A 288 -23.95 10.79 13.79
N PRO A 289 -23.97 10.12 12.63
CA PRO A 289 -24.41 8.72 12.51
C PRO A 289 -23.50 7.71 13.20
N GLN A 290 -22.20 7.98 13.30
CA GLN A 290 -21.29 7.03 13.96
C GLN A 290 -20.26 7.75 14.80
N GLU A 291 -19.65 7.01 15.72
CA GLU A 291 -18.56 7.48 16.56
C GLU A 291 -17.43 7.95 15.63
N SER A 292 -16.85 9.12 15.91
CA SER A 292 -15.88 9.71 15.00
C SER A 292 -15.00 10.81 15.61
N VAL A 293 -14.00 11.25 14.85
CA VAL A 293 -13.36 12.54 15.08
C VAL A 293 -13.25 13.21 13.72
N PHE A 294 -13.02 14.53 13.72
CA PHE A 294 -12.89 15.30 12.49
C PHE A 294 -14.15 15.21 11.61
N ARG A 295 -15.31 15.13 12.26
CA ARG A 295 -16.59 15.13 11.54
C ARG A 295 -17.52 16.09 12.25
N PHE A 296 -18.26 16.88 11.48
CA PHE A 296 -19.10 17.90 12.08
C PHE A 296 -20.49 17.83 11.47
N SER A 297 -21.50 18.09 12.31
CA SER A 297 -22.88 17.81 11.95
C SER A 297 -23.42 18.64 10.80
N PHE A 298 -23.25 19.96 10.88
CA PHE A 298 -23.83 20.84 9.87
C PHE A 298 -22.77 21.56 9.07
N VAL A 299 -22.61 21.10 7.82
CA VAL A 299 -21.56 21.60 6.94
C VAL A 299 -22.18 21.96 5.57
N PRO A 300 -21.41 22.60 4.69
CA PRO A 300 -21.94 22.87 3.34
C PRO A 300 -22.53 21.64 2.66
N VAL A 301 -23.66 21.83 2.00
CA VAL A 301 -24.35 20.74 1.33
C VAL A 301 -24.22 20.89 -0.19
N VAL A 302 -24.03 19.78 -0.89
CA VAL A 302 -23.98 19.81 -2.34
C VAL A 302 -25.40 19.61 -2.84
N ASP A 303 -26.01 20.67 -3.36
CA ASP A 303 -27.42 20.60 -3.72
C ASP A 303 -27.69 21.15 -5.12
N GLY A 304 -26.63 21.48 -5.85
CA GLY A 304 -26.76 21.98 -7.20
C GLY A 304 -26.80 23.49 -7.30
N ASP A 305 -26.92 24.17 -6.16
CA ASP A 305 -27.05 25.62 -6.13
C ASP A 305 -25.70 26.35 -5.93
N PHE A 306 -25.34 26.65 -4.67
CA PHE A 306 -24.02 27.22 -4.37
C PHE A 306 -22.92 26.37 -5.00
N LEU A 307 -23.02 25.06 -4.81
CA LEU A 307 -22.14 24.11 -5.45
C LEU A 307 -22.96 23.29 -6.45
N SER A 308 -22.73 23.51 -7.74
CA SER A 308 -23.50 22.80 -8.77
C SER A 308 -23.14 21.32 -8.84
N ASP A 309 -21.97 20.96 -8.31
CA ASP A 309 -21.57 19.57 -8.20
C ASP A 309 -20.72 19.42 -6.96
N THR A 310 -20.26 18.21 -6.67
CA THR A 310 -19.29 18.02 -5.59
C THR A 310 -18.03 18.85 -5.87
N PRO A 311 -17.33 19.27 -4.81
CA PRO A 311 -16.10 20.03 -5.05
C PRO A 311 -15.08 19.19 -5.81
N GLU A 312 -15.03 17.90 -5.53
N GLU A 312 -15.04 17.90 -5.53
CA GLU A 312 -14.15 16.99 -6.25
CA GLU A 312 -14.17 16.96 -6.25
C GLU A 312 -14.39 17.05 -7.76
C GLU A 312 -14.39 17.08 -7.76
N ALA A 313 -15.65 16.97 -8.16
CA ALA A 313 -16.01 17.09 -9.57
C ALA A 313 -15.65 18.47 -10.13
N LEU A 314 -16.09 19.51 -9.42
CA LEU A 314 -15.87 20.89 -9.87
C LEU A 314 -14.38 21.19 -10.02
N ILE A 315 -13.58 20.63 -9.13
CA ILE A 315 -12.13 20.75 -9.20
C ILE A 315 -11.62 20.04 -10.45
N ASN A 316 -11.90 18.75 -10.58
CA ASN A 316 -11.41 17.95 -11.71
C ASN A 316 -11.77 18.52 -13.09
N ALA A 317 -12.86 19.28 -13.17
CA ALA A 317 -13.37 19.78 -14.45
C ALA A 317 -13.14 21.27 -14.70
N GLY A 318 -12.43 21.94 -13.79
CA GLY A 318 -12.29 23.38 -13.87
C GLY A 318 -11.13 23.88 -14.72
N ASP A 319 -11.28 25.10 -15.25
CA ASP A 319 -10.21 25.79 -15.95
C ASP A 319 -9.72 26.87 -14.99
N PHE A 320 -8.48 26.75 -14.55
CA PHE A 320 -7.96 27.64 -13.51
C PHE A 320 -6.80 28.51 -13.98
N HIS A 321 -6.73 28.77 -15.29
CA HIS A 321 -5.78 29.75 -15.79
C HIS A 321 -6.18 31.11 -15.22
N GLY A 322 -5.17 31.90 -14.85
CA GLY A 322 -5.41 33.21 -14.27
C GLY A 322 -5.43 33.19 -12.74
N LEU A 323 -5.46 32.00 -12.17
CA LEU A 323 -5.51 31.83 -10.73
C LEU A 323 -4.13 31.57 -10.09
N GLN A 324 -3.87 32.25 -8.97
CA GLN A 324 -2.73 31.92 -8.14
C GLN A 324 -3.25 31.52 -6.75
N VAL A 325 -2.69 30.44 -6.21
CA VAL A 325 -3.17 29.92 -4.93
C VAL A 325 -1.98 29.58 -4.05
N LEU A 326 -2.12 29.84 -2.75
CA LEU A 326 -1.12 29.40 -1.77
C LEU A 326 -1.77 28.38 -0.86
N VAL A 327 -1.20 27.18 -0.79
CA VAL A 327 -1.78 26.12 0.05
C VAL A 327 -0.71 25.48 0.92
N GLY A 328 -1.14 24.89 2.03
CA GLY A 328 -0.20 24.23 2.90
C GLY A 328 -0.85 23.57 4.09
N VAL A 329 -0.02 22.91 4.88
CA VAL A 329 -0.48 22.09 5.99
C VAL A 329 0.52 22.27 7.11
N VAL A 330 0.14 21.92 8.33
CA VAL A 330 1.12 21.77 9.41
C VAL A 330 1.76 20.38 9.39
N LYS A 331 2.85 20.23 10.14
CA LYS A 331 3.61 18.98 10.17
C LYS A 331 2.78 17.79 10.68
N ASP A 332 1.90 18.03 11.64
CA ASP A 332 1.11 16.95 12.23
C ASP A 332 -0.38 17.25 12.25
N GLU A 333 -1.02 17.20 11.08
CA GLU A 333 -2.43 17.54 10.94
C GLU A 333 -3.38 16.72 11.82
N GLY A 334 -3.05 15.45 12.03
CA GLY A 334 -4.00 14.56 12.68
C GLY A 334 -3.96 14.48 14.19
N SER A 335 -2.82 14.81 14.78
CA SER A 335 -2.57 14.54 16.19
C SER A 335 -3.62 15.15 17.13
N TYR A 336 -3.93 16.42 16.93
CA TYR A 336 -4.91 17.16 17.73
C TYR A 336 -6.24 16.42 17.88
N PHE A 337 -6.72 15.86 16.77
CA PHE A 337 -8.04 15.24 16.78
C PHE A 337 -8.14 13.93 17.58
N LEU A 338 -7.01 13.27 17.81
CA LEU A 338 -7.02 11.98 18.48
C LEU A 338 -7.56 12.02 19.91
N VAL A 339 -7.37 13.15 20.60
CA VAL A 339 -7.84 13.27 21.97
C VAL A 339 -9.35 13.53 22.09
N TYR A 340 -10.03 13.65 20.96
CA TYR A 340 -11.49 13.86 20.97
C TYR A 340 -12.30 12.61 20.64
N GLY A 341 -11.69 11.42 20.74
CA GLY A 341 -12.43 10.20 20.43
C GLY A 341 -11.66 8.90 20.19
N ALA A 342 -10.36 8.99 19.91
CA ALA A 342 -9.59 7.78 19.70
C ALA A 342 -9.29 7.12 21.05
N PRO A 343 -9.62 5.82 21.18
CA PRO A 343 -9.35 5.07 22.41
C PRO A 343 -7.87 5.09 22.77
N GLY A 344 -7.58 5.35 24.04
CA GLY A 344 -6.23 5.32 24.53
C GLY A 344 -5.49 6.65 24.48
N PHE A 345 -6.12 7.69 23.96
CA PHE A 345 -5.42 8.96 23.81
C PHE A 345 -5.68 9.98 24.92
N SER A 346 -4.64 10.72 25.28
CA SER A 346 -4.80 11.84 26.21
C SER A 346 -3.70 12.85 25.98
N LYS A 347 -4.00 14.11 26.26
CA LYS A 347 -2.96 15.12 26.17
C LYS A 347 -2.05 14.98 27.38
N ASP A 348 -2.54 14.26 28.39
CA ASP A 348 -1.84 14.16 29.68
C ASP A 348 -0.96 12.93 29.84
N ASN A 349 -0.95 12.03 28.85
CA ASN A 349 0.11 11.02 28.77
C ASN A 349 0.73 10.91 27.38
N GLU A 350 1.61 9.93 27.21
CA GLU A 350 2.31 9.74 25.95
C GLU A 350 1.42 9.12 24.88
N SER A 351 0.20 8.75 25.27
CA SER A 351 -0.73 8.10 24.36
C SER A 351 -0.08 6.97 23.56
N LEU A 352 0.69 6.14 24.25
CA LEU A 352 1.33 4.98 23.62
C LEU A 352 0.31 3.85 23.52
N ILE A 353 -0.44 3.82 22.42
CA ILE A 353 -1.56 2.88 22.29
C ILE A 353 -1.15 1.45 21.88
N SER A 354 -2.08 0.53 22.08
CA SER A 354 -1.90 -0.87 21.72
C SER A 354 -2.40 -1.07 20.30
N ARG A 355 -2.10 -2.25 19.73
CA ARG A 355 -2.52 -2.57 18.38
C ARG A 355 -4.04 -2.58 18.30
N ALA A 356 -4.68 -3.17 19.31
CA ALA A 356 -6.14 -3.20 19.35
C ALA A 356 -6.75 -1.80 19.39
N GLU A 357 -6.13 -0.89 20.14
CA GLU A 357 -6.62 0.49 20.19
C GLU A 357 -6.40 1.17 18.84
N PHE A 358 -5.25 0.92 18.23
CA PHE A 358 -4.98 1.43 16.89
C PHE A 358 -6.07 0.97 15.91
N LEU A 359 -6.39 -0.32 15.94
CA LEU A 359 -7.43 -0.86 15.06
C LEU A 359 -8.80 -0.22 15.29
N ALA A 360 -9.19 -0.06 16.55
CA ALA A 360 -10.43 0.62 16.86
C ALA A 360 -10.34 2.09 16.45
N GLY A 361 -9.19 2.70 16.70
CA GLY A 361 -8.94 4.08 16.31
C GLY A 361 -9.17 4.34 14.83
N VAL A 362 -8.79 3.39 13.99
CA VAL A 362 -8.95 3.51 12.54
C VAL A 362 -10.42 3.66 12.12
N ARG A 363 -11.33 2.93 12.76
CA ARG A 363 -12.74 3.07 12.42
C ARG A 363 -13.28 4.42 12.89
N VAL A 364 -12.67 5.00 13.92
CA VAL A 364 -13.09 6.29 14.43
C VAL A 364 -12.55 7.41 13.54
N GLY A 365 -11.30 7.28 13.12
CA GLY A 365 -10.69 8.25 12.24
C GLY A 365 -11.22 8.17 10.81
N VAL A 366 -11.73 7.01 10.41
CA VAL A 366 -12.29 6.85 9.07
C VAL A 366 -13.69 6.28 9.15
N PRO A 367 -14.64 7.09 9.66
CA PRO A 367 -15.99 6.58 9.95
C PRO A 367 -16.77 6.23 8.67
N GLN A 368 -17.75 5.36 8.81
CA GLN A 368 -18.64 4.97 7.72
C GLN A 368 -17.99 4.50 6.40
N VAL A 369 -16.92 3.73 6.48
CA VAL A 369 -16.45 3.01 5.30
C VAL A 369 -16.57 1.54 5.59
N SER A 370 -16.55 0.74 4.53
CA SER A 370 -16.65 -0.70 4.65
C SER A 370 -15.47 -1.27 5.40
N ASP A 371 -15.66 -2.48 5.95
CA ASP A 371 -14.58 -3.24 6.56
C ASP A 371 -13.40 -3.39 5.60
N LEU A 372 -13.69 -3.72 4.34
CA LEU A 372 -12.63 -3.82 3.34
C LEU A 372 -11.80 -2.52 3.26
N ALA A 373 -12.47 -1.38 3.17
CA ALA A 373 -11.79 -0.09 3.10
C ALA A 373 -10.93 0.14 4.34
N ALA A 374 -11.50 -0.19 5.50
CA ALA A 374 -10.75 -0.08 6.75
C ALA A 374 -9.51 -0.97 6.75
N GLU A 375 -9.66 -2.20 6.24
CA GLU A 375 -8.55 -3.14 6.11
C GLU A 375 -7.44 -2.56 5.26
N ALA A 376 -7.83 -1.93 4.15
CA ALA A 376 -6.86 -1.29 3.28
C ALA A 376 -6.10 -0.18 4.02
N VAL A 377 -6.80 0.59 4.87
CA VAL A 377 -6.13 1.61 5.65
C VAL A 377 -5.08 0.97 6.57
N VAL A 378 -5.49 -0.07 7.29
CA VAL A 378 -4.60 -0.77 8.20
C VAL A 378 -3.38 -1.34 7.49
N LEU A 379 -3.59 -1.84 6.26
CA LEU A 379 -2.49 -2.35 5.46
C LEU A 379 -1.44 -1.28 5.17
N HIS A 380 -1.90 -0.16 4.62
N HIS A 380 -1.89 -0.15 4.63
CA HIS A 380 -1.00 0.92 4.24
CA HIS A 380 -0.96 0.89 4.23
C HIS A 380 -0.27 1.49 5.44
C HIS A 380 -0.32 1.63 5.41
N TYR A 381 -0.97 1.59 6.56
CA TYR A 381 -0.44 2.30 7.73
C TYR A 381 0.21 1.44 8.81
N THR A 382 0.28 0.13 8.56
CA THR A 382 1.03 -0.73 9.46
C THR A 382 2.45 -0.89 8.96
N ASP A 383 3.41 -0.80 9.88
CA ASP A 383 4.78 -1.24 9.59
C ASP A 383 4.83 -2.72 9.98
N TRP A 384 4.85 -3.61 8.98
CA TRP A 384 4.75 -5.05 9.26
C TRP A 384 6.02 -5.69 9.85
N LEU A 385 7.05 -4.88 10.04
CA LEU A 385 8.20 -5.31 10.85
C LEU A 385 8.04 -4.91 12.33
N HIS A 386 7.09 -4.00 12.60
CA HIS A 386 6.82 -3.52 13.95
C HIS A 386 5.33 -3.30 14.14
N PRO A 387 4.52 -4.34 13.94
CA PRO A 387 3.06 -4.12 13.89
C PRO A 387 2.45 -3.67 15.21
N GLU A 388 3.16 -3.88 16.32
CA GLU A 388 2.57 -3.66 17.64
C GLU A 388 3.28 -2.61 18.48
N ASP A 389 4.23 -1.91 17.88
CA ASP A 389 5.00 -0.89 18.59
C ASP A 389 4.14 0.36 18.87
N PRO A 390 3.86 0.63 20.15
CA PRO A 390 2.96 1.71 20.58
C PRO A 390 3.26 3.08 19.97
N ALA A 391 4.50 3.54 20.06
CA ALA A 391 4.85 4.84 19.50
C ALA A 391 4.55 4.92 17.99
N ARG A 392 4.91 3.87 17.25
CA ARG A 392 4.66 3.86 15.81
C ARG A 392 3.17 3.83 15.51
N LEU A 393 2.40 3.11 16.33
CA LEU A 393 0.95 3.09 16.21
C LEU A 393 0.35 4.47 16.44
N ARG A 394 0.88 5.18 17.44
CA ARG A 394 0.42 6.53 17.74
C ARG A 394 0.67 7.45 16.54
N GLU A 395 1.91 7.51 16.09
CA GLU A 395 2.27 8.27 14.88
C GLU A 395 1.44 7.86 13.66
N ALA A 396 1.19 6.57 13.49
CA ALA A 396 0.50 6.10 12.30
C ALA A 396 -0.97 6.51 12.31
N LEU A 397 -1.60 6.46 13.48
CA LEU A 397 -2.99 6.85 13.55
C LEU A 397 -3.13 8.38 13.34
N SER A 398 -2.15 9.13 13.84
CA SER A 398 -2.08 10.56 13.59
C SER A 398 -2.03 10.79 12.09
N ASP A 399 -1.14 10.07 11.41
CA ASP A 399 -1.02 10.10 9.96
C ASP A 399 -2.33 9.75 9.24
N VAL A 400 -3.02 8.74 9.74
CA VAL A 400 -4.29 8.35 9.11
C VAL A 400 -5.26 9.52 9.11
N VAL A 401 -5.57 10.03 10.30
CA VAL A 401 -6.52 11.13 10.46
C VAL A 401 -6.08 12.37 9.67
N GLY A 402 -4.79 12.69 9.74
CA GLY A 402 -4.24 13.85 9.07
C GLY A 402 -4.18 13.77 7.54
N ASP A 403 -3.81 12.60 7.01
CA ASP A 403 -3.70 12.42 5.57
C ASP A 403 -5.09 12.42 4.95
N HIS A 404 -5.96 11.65 5.57
CA HIS A 404 -7.32 11.48 5.14
C HIS A 404 -8.10 12.81 5.18
N ASN A 405 -7.99 13.54 6.28
CA ASN A 405 -8.79 14.76 6.43
C ASN A 405 -8.18 16.03 5.84
N VAL A 406 -6.85 16.14 5.85
CA VAL A 406 -6.23 17.40 5.43
C VAL A 406 -5.21 17.30 4.31
N VAL A 407 -4.13 16.57 4.56
CA VAL A 407 -2.99 16.56 3.63
C VAL A 407 -3.37 16.10 2.22
N CYS A 408 -4.06 14.97 2.12
CA CYS A 408 -4.39 14.44 0.81
C CYS A 408 -5.47 15.22 0.08
N PRO A 409 -6.48 15.75 0.81
CA PRO A 409 -7.38 16.65 0.09
C PRO A 409 -6.66 17.92 -0.42
N VAL A 410 -5.71 18.46 0.34
CA VAL A 410 -4.97 19.64 -0.09
C VAL A 410 -4.07 19.29 -1.28
N ALA A 411 -3.41 18.15 -1.19
CA ALA A 411 -2.55 17.69 -2.28
C ALA A 411 -3.33 17.53 -3.58
N GLN A 412 -4.48 16.89 -3.50
CA GLN A 412 -5.32 16.71 -4.66
C GLN A 412 -5.77 18.05 -5.25
N LEU A 413 -6.20 18.97 -4.38
CA LEU A 413 -6.55 20.31 -4.82
C LEU A 413 -5.38 20.98 -5.55
N ALA A 414 -4.20 20.90 -4.96
CA ALA A 414 -3.02 21.55 -5.51
C ALA A 414 -2.63 20.96 -6.86
N GLY A 415 -2.71 19.63 -6.99
CA GLY A 415 -2.34 18.95 -8.21
C GLY A 415 -3.28 19.28 -9.36
N ARG A 416 -4.57 19.18 -9.11
CA ARG A 416 -5.55 19.49 -10.13
C ARG A 416 -5.50 20.96 -10.54
N LEU A 417 -5.40 21.86 -9.58
CA LEU A 417 -5.36 23.28 -9.91
C LEU A 417 -4.14 23.59 -10.77
N ALA A 418 -2.97 23.14 -10.34
CA ALA A 418 -1.74 23.33 -11.10
C ALA A 418 -1.80 22.73 -12.51
N ALA A 419 -2.30 21.51 -12.62
CA ALA A 419 -2.40 20.83 -13.92
C ALA A 419 -3.46 21.45 -14.81
N GLN A 420 -4.33 22.28 -14.24
CA GLN A 420 -5.42 22.88 -15.02
C GLN A 420 -5.31 24.39 -15.12
N GLY A 421 -4.08 24.89 -14.98
CA GLY A 421 -3.79 26.26 -15.34
C GLY A 421 -3.44 27.24 -14.24
N ALA A 422 -3.53 26.81 -12.98
CA ALA A 422 -3.25 27.73 -11.88
C ALA A 422 -1.79 27.67 -11.50
N ARG A 423 -1.28 28.77 -10.94
CA ARG A 423 0.04 28.76 -10.33
C ARG A 423 -0.13 28.50 -8.84
N VAL A 424 0.45 27.41 -8.37
CA VAL A 424 0.28 26.99 -6.99
C VAL A 424 1.59 27.06 -6.21
N TYR A 425 1.54 27.59 -4.99
CA TYR A 425 2.65 27.44 -4.05
C TYR A 425 2.22 26.60 -2.85
N ALA A 426 3.09 25.70 -2.42
CA ALA A 426 2.79 24.78 -1.31
C ALA A 426 3.83 24.86 -0.21
N TYR A 427 3.40 24.68 1.04
CA TYR A 427 4.31 24.71 2.17
C TYR A 427 3.91 23.63 3.16
N VAL A 428 4.86 23.21 3.98
CA VAL A 428 4.55 22.50 5.22
C VAL A 428 5.14 23.32 6.34
N PHE A 429 4.34 23.57 7.36
CA PHE A 429 4.74 24.43 8.45
C PHE A 429 5.26 23.54 9.58
N GLU A 430 6.52 23.70 9.93
CA GLU A 430 7.22 22.70 10.75
C GLU A 430 7.80 23.25 12.03
N HIS A 431 7.33 24.42 12.45
CA HIS A 431 7.82 24.99 13.69
C HIS A 431 6.82 24.79 14.82
N ARG A 432 7.29 24.20 15.91
CA ARG A 432 6.48 24.05 17.11
C ARG A 432 6.70 25.27 17.99
N ALA A 433 5.63 26.01 18.28
CA ALA A 433 5.72 27.24 19.07
C ALA A 433 6.33 26.96 20.43
N SER A 434 7.25 27.81 20.86
CA SER A 434 7.84 27.69 22.19
C SER A 434 6.78 27.79 23.27
N THR A 435 5.68 28.45 22.93
CA THR A 435 4.60 28.70 23.89
C THR A 435 3.54 27.60 23.88
N LEU A 436 3.71 26.61 23.03
CA LEU A 436 2.66 25.59 22.86
C LEU A 436 2.49 24.76 24.13
N SER A 437 1.24 24.57 24.53
CA SER A 437 0.95 23.89 25.78
C SER A 437 0.35 22.49 25.59
N TRP A 438 0.10 22.10 24.34
CA TRP A 438 -0.21 20.70 24.05
C TRP A 438 1.09 19.90 24.15
N PRO A 439 1.00 18.60 24.50
CA PRO A 439 2.19 17.78 24.73
C PRO A 439 3.09 17.67 23.50
N LEU A 440 4.34 17.27 23.73
CA LEU A 440 5.31 17.09 22.67
C LEU A 440 4.90 16.03 21.63
N TRP A 441 4.18 15.00 22.05
CA TRP A 441 3.84 13.93 21.10
C TRP A 441 2.91 14.42 19.99
N MET A 442 2.24 15.54 20.21
CA MET A 442 1.36 16.08 19.19
C MET A 442 2.13 16.77 18.05
N GLY A 443 3.40 17.08 18.28
CA GLY A 443 4.22 17.74 17.28
C GLY A 443 3.71 19.14 16.97
N VAL A 444 3.56 19.46 15.69
CA VAL A 444 2.96 20.73 15.28
C VAL A 444 1.47 20.53 14.91
N PRO A 445 0.56 20.81 15.85
CA PRO A 445 -0.84 20.44 15.61
C PRO A 445 -1.60 21.42 14.72
N HIS A 446 -2.69 20.91 14.15
CA HIS A 446 -3.68 21.66 13.39
C HIS A 446 -3.97 23.00 14.06
N GLY A 447 -3.88 24.09 13.30
CA GLY A 447 -4.21 25.41 13.82
C GLY A 447 -3.04 26.24 14.33
N TYR A 448 -1.86 25.64 14.54
CA TYR A 448 -0.80 26.36 15.23
C TYR A 448 0.23 27.08 14.35
N GLU A 449 -0.09 27.25 13.08
CA GLU A 449 0.66 28.17 12.22
C GLU A 449 0.01 29.56 12.19
N ILE A 450 -1.30 29.62 12.45
CA ILE A 450 -2.07 30.85 12.33
C ILE A 450 -1.46 32.04 13.10
N GLU A 451 -1.11 31.82 14.36
CA GLU A 451 -0.56 32.90 15.20
C GLU A 451 0.71 33.50 14.59
N PHE A 452 1.45 32.68 13.84
CA PHE A 452 2.65 33.15 13.16
C PHE A 452 2.34 33.97 11.90
N ILE A 453 1.35 33.52 11.14
CA ILE A 453 0.90 34.26 9.97
C ILE A 453 0.39 35.65 10.39
N PHE A 454 -0.31 35.71 11.52
CA PHE A 454 -0.86 36.98 12.00
C PHE A 454 0.15 37.81 12.79
N GLY A 455 1.35 37.30 12.95
CA GLY A 455 2.40 38.06 13.61
C GLY A 455 2.16 38.27 15.09
N ILE A 456 1.35 37.41 15.70
CA ILE A 456 1.13 37.42 17.14
C ILE A 456 2.44 37.37 17.98
N PRO A 457 3.47 36.67 17.51
CA PRO A 457 4.71 36.75 18.30
C PRO A 457 5.27 38.16 18.52
N LEU A 458 4.88 39.13 17.70
CA LEU A 458 5.36 40.50 17.88
C LEU A 458 4.77 41.17 19.13
N ASP A 459 3.71 40.58 19.67
CA ASP A 459 3.08 41.11 20.87
C ASP A 459 4.04 40.98 22.05
N PRO A 460 4.52 42.13 22.57
CA PRO A 460 5.55 42.17 23.62
C PRO A 460 5.10 41.46 24.91
N SER A 461 3.80 41.50 25.17
CA SER A 461 3.26 40.88 26.39
C SER A 461 3.08 39.37 26.26
N ARG A 462 3.66 38.77 25.22
CA ARG A 462 3.62 37.30 25.11
C ARG A 462 5.06 36.77 25.10
N ASN A 463 5.20 35.45 25.21
CA ASN A 463 6.49 34.87 25.60
C ASN A 463 7.30 34.26 24.48
N TYR A 464 7.09 34.72 23.25
CA TYR A 464 7.80 34.16 22.11
C TYR A 464 9.27 34.58 22.12
N THR A 465 10.13 33.82 21.44
CA THR A 465 11.55 34.13 21.39
C THR A 465 11.85 35.13 20.28
N ALA A 466 13.05 35.70 20.34
CA ALA A 466 13.50 36.65 19.32
C ALA A 466 13.48 36.03 17.93
N GLU A 467 13.90 34.77 17.83
CA GLU A 467 13.89 34.06 16.55
C GLU A 467 12.46 33.86 16.06
N GLU A 468 11.55 33.61 16.99
CA GLU A 468 10.15 33.40 16.63
C GLU A 468 9.56 34.67 16.03
N LYS A 469 9.97 35.83 16.56
CA LYS A 469 9.52 37.10 16.02
C LYS A 469 10.00 37.31 14.60
N ILE A 470 11.27 37.05 14.35
CA ILE A 470 11.82 37.14 13.01
C ILE A 470 11.07 36.22 12.03
N PHE A 471 10.79 35.00 12.47
CA PHE A 471 10.05 34.00 11.69
C PHE A 471 8.66 34.52 11.32
N ALA A 472 7.95 35.05 12.30
CA ALA A 472 6.63 35.61 12.05
C ALA A 472 6.72 36.68 10.98
N GLN A 473 7.77 37.50 11.08
CA GLN A 473 7.98 38.58 10.13
C GLN A 473 8.21 38.05 8.71
N ARG A 474 8.96 36.96 8.60
CA ARG A 474 9.16 36.31 7.31
C ARG A 474 7.84 35.82 6.74
N LEU A 475 7.02 35.23 7.61
CA LEU A 475 5.77 34.62 7.17
C LEU A 475 4.81 35.68 6.67
N MET A 476 4.74 36.78 7.41
CA MET A 476 3.87 37.88 7.05
C MET A 476 4.28 38.43 5.70
N ARG A 477 5.58 38.51 5.47
CA ARG A 477 6.11 38.99 4.20
C ARG A 477 5.76 38.02 3.05
N TYR A 478 5.91 36.71 3.27
CA TYR A 478 5.51 35.73 2.25
C TYR A 478 4.04 35.92 1.89
N TRP A 479 3.20 35.99 2.93
CA TRP A 479 1.74 36.04 2.71
C TRP A 479 1.32 37.31 1.99
N ALA A 480 1.88 38.44 2.42
CA ALA A 480 1.52 39.73 1.84
C ALA A 480 2.10 39.91 0.44
N ASN A 481 3.28 39.34 0.21
CA ASN A 481 3.85 39.33 -1.14
C ASN A 481 2.90 38.61 -2.05
N PHE A 482 2.38 37.48 -1.58
CA PHE A 482 1.47 36.70 -2.37
C PHE A 482 0.20 37.49 -2.65
N ALA A 483 -0.32 38.16 -1.64
CA ALA A 483 -1.50 39.00 -1.82
C ALA A 483 -1.26 40.10 -2.87
N ARG A 484 -0.05 40.64 -2.90
CA ARG A 484 0.28 41.77 -3.77
C ARG A 484 0.57 41.35 -5.20
N THR A 485 1.20 40.19 -5.38
CA THR A 485 1.73 39.83 -6.70
C THR A 485 1.33 38.44 -7.19
N GLY A 486 0.75 37.64 -6.31
CA GLY A 486 0.51 36.24 -6.64
C GLY A 486 1.76 35.40 -6.49
N ASP A 487 2.78 35.95 -5.84
CA ASP A 487 4.05 35.24 -5.69
C ASP A 487 4.66 35.58 -4.33
N PRO A 488 4.81 34.58 -3.45
CA PRO A 488 5.30 34.86 -2.09
C PRO A 488 6.77 35.29 -2.05
N ASN A 489 7.55 34.95 -3.09
CA ASN A 489 8.98 35.22 -3.09
C ASN A 489 9.42 36.67 -2.94
N GLU A 490 10.40 36.87 -2.06
CA GLU A 490 11.19 38.09 -1.97
C GLU A 490 12.20 38.14 -3.13
N PRO A 491 12.87 39.29 -3.33
CA PRO A 491 13.97 39.35 -4.30
C PRO A 491 15.08 38.31 -4.02
N ARG A 492 15.66 37.76 -5.09
CA ARG A 492 16.62 36.65 -5.01
C ARG A 492 17.79 36.89 -4.07
N ASP A 493 18.24 35.82 -3.43
CA ASP A 493 19.28 35.88 -2.40
C ASP A 493 19.72 34.46 -2.01
N PRO A 497 17.07 31.58 -1.00
CA PRO A 497 16.56 30.41 -1.74
C PRO A 497 15.11 30.61 -2.16
N GLN A 498 14.78 30.26 -3.40
CA GLN A 498 13.47 30.58 -3.95
C GLN A 498 12.40 29.50 -3.67
N TRP A 499 11.17 29.97 -3.50
CA TRP A 499 10.02 29.12 -3.30
C TRP A 499 9.43 28.85 -4.67
N PRO A 500 9.61 27.62 -5.18
CA PRO A 500 9.14 27.22 -6.51
C PRO A 500 7.67 26.85 -6.52
N PRO A 501 6.99 27.05 -7.65
CA PRO A 501 5.60 26.61 -7.78
C PRO A 501 5.44 25.08 -7.70
N TYR A 502 4.35 24.65 -7.06
CA TYR A 502 3.99 23.25 -6.97
C TYR A 502 3.38 22.80 -8.29
N THR A 503 3.79 21.63 -8.78
CA THR A 503 3.22 21.06 -9.99
C THR A 503 2.89 19.59 -9.76
N ALA A 504 1.97 19.05 -10.55
CA ALA A 504 1.56 17.64 -10.41
C ALA A 504 2.73 16.68 -10.56
N GLY A 505 3.72 17.04 -11.37
CA GLY A 505 4.88 16.19 -11.56
C GLY A 505 5.96 16.30 -10.49
N ALA A 506 6.61 17.46 -10.43
CA ALA A 506 7.70 17.65 -9.48
C ALA A 506 7.21 17.75 -8.04
N GLN A 507 5.98 18.25 -7.84
CA GLN A 507 5.34 18.25 -6.53
C GLN A 507 6.15 18.99 -5.47
N GLN A 508 6.75 20.11 -5.86
CA GLN A 508 7.65 20.82 -4.95
C GLN A 508 6.90 21.72 -3.95
N TYR A 509 7.40 21.75 -2.73
CA TYR A 509 6.86 22.63 -1.70
C TYR A 509 8.02 23.04 -0.81
N VAL A 510 7.82 24.02 0.07
CA VAL A 510 8.88 24.40 1.02
C VAL A 510 8.51 24.07 2.46
N SER A 511 9.53 23.89 3.29
CA SER A 511 9.31 23.77 4.73
C SER A 511 9.40 25.16 5.35
N LEU A 512 8.43 25.49 6.19
CA LEU A 512 8.43 26.75 6.91
C LEU A 512 8.82 26.53 8.36
N ASP A 513 10.03 26.96 8.72
CA ASP A 513 10.47 26.96 10.11
C ASP A 513 11.58 27.97 10.33
N LEU A 514 12.28 27.86 11.45
CA LEU A 514 13.32 28.84 11.80
C LEU A 514 14.50 28.83 10.83
N ARG A 515 14.79 27.68 10.25
CA ARG A 515 15.83 27.54 9.23
C ARG A 515 15.38 28.19 7.94
N PRO A 516 16.34 28.52 7.04
CA PRO A 516 15.98 29.02 5.72
C PRO A 516 15.09 28.04 4.95
N LEU A 517 14.33 28.54 3.99
CA LEU A 517 13.48 27.70 3.14
C LEU A 517 14.25 26.51 2.62
N GLU A 518 13.59 25.36 2.60
CA GLU A 518 14.17 24.15 2.06
C GLU A 518 13.13 23.56 1.12
N VAL A 519 13.53 23.30 -0.12
CA VAL A 519 12.61 22.74 -1.11
C VAL A 519 12.58 21.23 -1.02
N ARG A 520 11.38 20.66 -1.03
CA ARG A 520 11.21 19.21 -0.96
C ARG A 520 10.18 18.77 -1.98
N ARG A 521 10.00 17.46 -2.10
CA ARG A 521 9.11 16.89 -3.11
C ARG A 521 8.06 15.98 -2.46
N GLY A 522 6.81 16.17 -2.84
CA GLY A 522 5.75 15.25 -2.46
C GLY A 522 5.04 15.57 -1.17
N LEU A 523 3.76 15.92 -1.27
CA LEU A 523 2.93 16.06 -0.10
C LEU A 523 2.43 14.68 0.31
N ARG A 524 3.30 13.92 0.97
N ARG A 524 3.28 13.90 0.97
CA ARG A 524 3.02 12.55 1.37
CA ARG A 524 2.94 12.55 1.39
C ARG A 524 2.43 11.77 0.19
C ARG A 524 2.41 11.77 0.18
N ALA A 525 3.19 11.80 -0.90
CA ALA A 525 2.78 11.19 -2.17
C ALA A 525 2.36 9.72 -2.08
N GLN A 526 3.13 8.92 -1.35
CA GLN A 526 2.80 7.50 -1.21
C GLN A 526 1.46 7.31 -0.52
N ALA A 527 1.28 7.96 0.63
CA ALA A 527 0.01 7.86 1.35
C ALA A 527 -1.15 8.48 0.55
N CYS A 528 -0.90 9.59 -0.10
CA CYS A 528 -1.99 10.28 -0.80
C CYS A 528 -2.41 9.59 -2.10
N ALA A 529 -1.52 8.80 -2.69
CA ALA A 529 -1.89 7.95 -3.81
C ALA A 529 -3.01 7.01 -3.37
N PHE A 530 -2.89 6.51 -2.14
CA PHE A 530 -3.90 5.62 -1.59
C PHE A 530 -5.27 6.32 -1.46
N TRP A 531 -5.29 7.48 -0.79
CA TRP A 531 -6.55 8.18 -0.52
C TRP A 531 -7.17 8.78 -1.76
N ASN A 532 -6.31 9.26 -2.67
CA ASN A 532 -6.77 10.02 -3.82
C ASN A 532 -6.98 9.17 -5.08
N ARG A 533 -6.19 8.12 -5.24
CA ARG A 533 -6.26 7.31 -6.46
C ARG A 533 -6.95 5.97 -6.28
N PHE A 534 -6.53 5.21 -5.27
CA PHE A 534 -7.06 3.86 -5.07
C PHE A 534 -8.37 3.79 -4.30
N LEU A 535 -8.41 4.38 -3.11
CA LEU A 535 -9.58 4.22 -2.23
C LEU A 535 -10.95 4.57 -2.85
N PRO A 536 -11.03 5.66 -3.63
CA PRO A 536 -12.30 5.90 -4.35
C PRO A 536 -12.74 4.72 -5.22
N LYS A 537 -11.82 4.14 -5.99
CA LYS A 537 -12.13 2.99 -6.85
C LYS A 537 -12.73 1.86 -6.04
N LEU A 538 -12.11 1.58 -4.90
CA LEU A 538 -12.58 0.55 -3.99
C LEU A 538 -14.02 0.82 -3.56
N LEU A 539 -14.26 2.00 -3.00
CA LEU A 539 -15.60 2.40 -2.57
C LEU A 539 -16.67 2.26 -3.67
N SER A 540 -16.29 2.57 -4.91
CA SER A 540 -17.21 2.45 -6.05
C SER A 540 -17.50 1.01 -6.46
N ALA A 541 -16.91 0.05 -5.78
CA ALA A 541 -17.17 -1.38 -6.04
C ALA A 541 -17.62 -2.11 -4.78
N GLU B 3 34.19 -58.23 -11.88
CA GLU B 3 33.17 -57.39 -11.24
C GLU B 3 33.72 -56.63 -10.00
N ASP B 4 33.07 -55.52 -9.65
CA ASP B 4 33.46 -54.69 -8.49
C ASP B 4 32.33 -54.66 -7.45
N ALA B 5 32.57 -55.26 -6.30
CA ALA B 5 31.55 -55.42 -5.26
C ALA B 5 30.81 -54.14 -4.88
N GLU B 6 31.52 -53.02 -4.87
CA GLU B 6 30.92 -51.73 -4.54
C GLU B 6 29.81 -51.35 -5.50
N LEU B 7 29.94 -51.78 -6.76
CA LEU B 7 29.00 -51.40 -7.79
C LEU B 7 27.86 -52.39 -7.97
N LEU B 8 27.70 -53.30 -7.02
CA LEU B 8 26.62 -54.27 -7.08
C LEU B 8 25.71 -54.14 -5.89
N VAL B 9 24.41 -54.03 -6.16
CA VAL B 9 23.44 -53.84 -5.10
C VAL B 9 22.22 -54.66 -5.43
N THR B 10 21.62 -55.28 -4.42
CA THR B 10 20.35 -55.94 -4.58
C THR B 10 19.25 -55.12 -3.92
N VAL B 11 18.26 -54.72 -4.71
CA VAL B 11 17.08 -54.05 -4.19
C VAL B 11 15.91 -55.02 -4.34
N ARG B 12 14.77 -54.68 -3.77
CA ARG B 12 13.63 -55.62 -3.72
C ARG B 12 13.20 -56.18 -5.08
N GLY B 13 13.44 -55.44 -6.15
CA GLY B 13 13.02 -55.87 -7.47
C GLY B 13 14.01 -56.75 -8.22
N GLY B 14 15.25 -56.83 -7.74
CA GLY B 14 16.30 -57.54 -8.45
C GLY B 14 17.65 -56.90 -8.29
N ARG B 15 18.63 -57.40 -9.03
CA ARG B 15 20.01 -56.94 -8.92
C ARG B 15 20.33 -55.75 -9.83
N LEU B 16 21.27 -54.94 -9.37
CA LEU B 16 21.65 -53.71 -10.06
C LEU B 16 23.16 -53.62 -10.14
N ARG B 17 23.63 -53.03 -11.22
CA ARG B 17 25.06 -52.78 -11.41
C ARG B 17 25.20 -51.29 -11.65
N GLY B 18 26.10 -50.65 -10.92
CA GLY B 18 26.28 -49.22 -11.06
C GLY B 18 27.60 -48.85 -11.69
N ILE B 19 28.04 -47.62 -11.44
CA ILE B 19 29.23 -47.10 -12.07
C ILE B 19 30.03 -46.28 -11.06
N ARG B 20 31.35 -46.31 -11.18
CA ARG B 20 32.24 -45.53 -10.31
C ARG B 20 32.52 -44.18 -10.95
N LEU B 21 32.13 -43.10 -10.25
CA LEU B 21 32.35 -41.75 -10.75
C LEU B 21 33.56 -41.11 -10.08
N LYS B 22 34.33 -40.37 -10.87
CA LYS B 22 35.40 -39.54 -10.33
C LYS B 22 34.85 -38.19 -9.87
N THR B 23 35.36 -37.71 -8.75
CA THR B 23 35.12 -36.33 -8.34
C THR B 23 36.43 -35.77 -7.80
N PRO B 24 36.63 -34.46 -7.93
CA PRO B 24 37.77 -33.74 -7.35
C PRO B 24 38.18 -34.23 -5.96
N GLY B 25 37.24 -34.64 -5.12
CA GLY B 25 37.60 -35.10 -3.79
C GLY B 25 37.61 -36.61 -3.56
N GLY B 26 37.58 -37.41 -4.62
CA GLY B 26 37.56 -38.85 -4.45
C GLY B 26 36.36 -39.54 -5.10
N PRO B 27 36.38 -40.88 -5.16
CA PRO B 27 35.37 -41.66 -5.89
C PRO B 27 33.98 -41.67 -5.25
N VAL B 28 32.96 -41.76 -6.10
CA VAL B 28 31.58 -41.91 -5.67
C VAL B 28 30.95 -43.04 -6.48
N SER B 29 30.07 -43.83 -5.85
CA SER B 29 29.31 -44.83 -6.58
C SER B 29 28.00 -44.22 -7.04
N ALA B 30 27.65 -44.47 -8.30
CA ALA B 30 26.40 -43.97 -8.83
C ALA B 30 25.59 -45.09 -9.46
N PHE B 31 24.30 -45.10 -9.15
CA PHE B 31 23.37 -46.03 -9.74
C PHE B 31 22.32 -45.16 -10.44
N LEU B 32 22.50 -45.01 -11.75
CA LEU B 32 21.71 -44.09 -12.55
C LEU B 32 20.73 -44.82 -13.45
N GLY B 33 19.48 -44.40 -13.46
CA GLY B 33 18.48 -45.02 -14.30
C GLY B 33 17.95 -46.33 -13.73
N ILE B 34 17.59 -46.31 -12.45
CA ILE B 34 16.92 -47.44 -11.81
C ILE B 34 15.41 -47.34 -12.00
N PRO B 35 14.79 -48.38 -12.60
CA PRO B 35 13.34 -48.34 -12.82
C PRO B 35 12.58 -48.44 -11.50
N PHE B 36 11.63 -47.55 -11.26
CA PHE B 36 10.87 -47.62 -10.01
C PHE B 36 9.39 -47.83 -10.25
N ALA B 37 9.00 -47.69 -11.52
CA ALA B 37 7.63 -47.93 -11.94
C ALA B 37 7.63 -48.65 -13.29
N GLU B 38 6.54 -49.36 -13.57
CA GLU B 38 6.30 -49.83 -14.93
C GLU B 38 6.12 -48.61 -15.81
N PRO B 39 6.61 -48.68 -17.06
CA PRO B 39 6.50 -47.52 -17.95
C PRO B 39 5.04 -47.13 -18.24
N PRO B 40 4.68 -45.86 -18.00
CA PRO B 40 3.30 -45.38 -18.20
C PRO B 40 2.95 -45.23 -19.67
N MET B 41 3.14 -46.31 -20.44
CA MET B 41 2.96 -46.30 -21.89
C MET B 41 1.53 -46.59 -22.27
N GLY B 42 1.12 -46.12 -23.44
CA GLY B 42 -0.14 -46.50 -24.06
C GLY B 42 -1.36 -46.35 -23.18
N PRO B 43 -1.95 -47.50 -22.78
CA PRO B 43 -3.11 -47.56 -21.89
C PRO B 43 -2.83 -46.97 -20.51
N ARG B 44 -1.55 -46.90 -20.12
CA ARG B 44 -1.18 -46.38 -18.81
C ARG B 44 -0.93 -44.87 -18.77
N ARG B 45 -1.07 -44.19 -19.91
CA ARG B 45 -0.95 -42.74 -19.95
C ARG B 45 -2.04 -42.09 -19.07
N PHE B 46 -1.67 -41.04 -18.35
CA PHE B 46 -2.56 -40.33 -17.42
C PHE B 46 -2.89 -41.11 -16.14
N LEU B 47 -2.40 -42.33 -16.01
CA LEU B 47 -2.78 -43.17 -14.88
C LEU B 47 -1.73 -43.12 -13.77
N PRO B 48 -2.14 -43.40 -12.52
CA PRO B 48 -1.20 -43.53 -11.42
C PRO B 48 -0.10 -44.56 -11.73
N PRO B 49 1.12 -44.31 -11.25
CA PRO B 49 2.21 -45.24 -11.56
C PRO B 49 2.02 -46.59 -10.87
N GLU B 50 2.38 -47.67 -11.55
CA GLU B 50 2.39 -48.99 -10.94
C GLU B 50 3.82 -49.36 -10.55
N PRO B 51 3.98 -50.00 -9.39
CA PRO B 51 5.31 -50.41 -8.93
C PRO B 51 6.02 -51.30 -9.96
N LYS B 52 7.32 -51.10 -10.13
CA LYS B 52 8.11 -51.89 -11.05
C LYS B 52 8.10 -53.35 -10.65
N GLN B 53 7.70 -54.22 -11.58
CA GLN B 53 7.75 -55.67 -11.36
C GLN B 53 9.18 -56.18 -11.20
N PRO B 54 9.38 -57.19 -10.33
CA PRO B 54 10.74 -57.74 -10.12
C PRO B 54 11.30 -58.33 -11.41
N TRP B 55 12.64 -58.36 -11.53
CA TRP B 55 13.30 -58.85 -12.74
C TRP B 55 14.38 -59.86 -12.37
N SER B 56 14.72 -60.72 -13.32
CA SER B 56 15.83 -61.64 -13.12
C SER B 56 17.05 -61.05 -13.80
N GLY B 57 18.24 -61.48 -13.40
CA GLY B 57 19.46 -60.95 -13.99
C GLY B 57 19.83 -59.60 -13.39
N VAL B 58 20.74 -58.89 -14.05
CA VAL B 58 21.25 -57.62 -13.55
C VAL B 58 20.89 -56.46 -14.48
N VAL B 59 20.19 -55.47 -13.92
CA VAL B 59 19.90 -54.23 -14.64
C VAL B 59 21.09 -53.29 -14.51
N ASP B 60 21.62 -52.81 -15.64
CA ASP B 60 22.68 -51.80 -15.63
C ASP B 60 22.15 -50.40 -15.29
N ALA B 61 22.47 -49.91 -14.10
CA ALA B 61 22.12 -48.55 -13.69
C ALA B 61 23.32 -47.67 -13.92
N THR B 62 23.64 -47.41 -15.19
CA THR B 62 24.94 -46.88 -15.54
C THR B 62 24.90 -45.56 -16.29
N THR B 63 23.70 -45.08 -16.60
CA THR B 63 23.54 -43.77 -17.24
C THR B 63 22.13 -43.27 -16.97
N PHE B 64 21.92 -41.96 -17.01
CA PHE B 64 20.58 -41.39 -16.87
C PHE B 64 19.65 -41.94 -17.94
N GLN B 65 18.44 -42.29 -17.54
CA GLN B 65 17.40 -42.66 -18.47
C GLN B 65 16.74 -41.44 -19.14
N SER B 66 15.74 -41.73 -19.97
CA SER B 66 15.08 -40.71 -20.78
C SER B 66 14.42 -39.61 -19.96
N VAL B 67 14.35 -38.42 -20.54
CA VAL B 67 13.63 -37.31 -19.95
C VAL B 67 12.13 -37.50 -20.23
N CYS B 68 11.28 -37.24 -19.23
CA CYS B 68 9.84 -37.35 -19.43
C CYS B 68 9.39 -36.38 -20.48
N TYR B 69 8.45 -36.79 -21.32
CA TYR B 69 8.01 -35.98 -22.44
C TYR B 69 7.57 -34.56 -22.02
N GLN B 70 8.09 -33.56 -22.71
CA GLN B 70 7.87 -32.20 -22.29
C GLN B 70 8.17 -31.20 -23.40
N TYR B 71 7.61 -30.01 -23.23
CA TYR B 71 7.90 -28.89 -24.08
C TYR B 71 9.39 -28.56 -24.01
N VAL B 72 9.97 -28.17 -25.15
CA VAL B 72 11.37 -27.75 -25.19
C VAL B 72 11.43 -26.24 -25.42
N ASP B 73 12.14 -25.53 -24.55
CA ASP B 73 12.18 -24.06 -24.59
C ASP B 73 12.95 -23.55 -25.80
N THR B 74 12.28 -22.77 -26.64
CA THR B 74 12.92 -22.27 -27.86
C THR B 74 13.08 -20.76 -27.92
N LEU B 75 12.96 -20.07 -26.78
CA LEU B 75 12.98 -18.61 -26.74
C LEU B 75 14.28 -17.98 -27.27
N TYR B 76 15.42 -18.51 -26.85
CA TYR B 76 16.67 -18.03 -27.41
C TYR B 76 17.49 -19.21 -27.89
N PRO B 77 17.22 -19.68 -29.12
CA PRO B 77 17.83 -20.92 -29.63
C PRO B 77 19.34 -20.82 -29.59
N GLY B 78 19.99 -21.80 -28.95
CA GLY B 78 21.44 -21.79 -28.83
C GLY B 78 22.01 -21.05 -27.63
N PHE B 79 21.20 -20.23 -26.97
CA PHE B 79 21.66 -19.50 -25.79
C PHE B 79 21.80 -20.45 -24.59
N GLU B 80 22.98 -20.46 -23.94
CA GLU B 80 23.21 -21.39 -22.84
C GLU B 80 22.23 -21.17 -21.66
N GLY B 81 21.85 -19.92 -21.43
CA GLY B 81 20.93 -19.57 -20.36
C GLY B 81 19.60 -20.30 -20.44
N THR B 82 19.09 -20.49 -21.65
CA THR B 82 17.88 -21.26 -21.85
C THR B 82 18.16 -22.75 -22.08
N GLU B 83 19.22 -23.09 -22.82
CA GLU B 83 19.46 -24.48 -23.22
C GLU B 83 19.81 -25.36 -22.04
N MET B 84 20.43 -24.79 -21.01
CA MET B 84 20.85 -25.57 -19.85
C MET B 84 19.68 -26.23 -19.09
N TRP B 85 18.46 -25.79 -19.37
CA TRP B 85 17.27 -26.30 -18.67
C TRP B 85 16.50 -27.30 -19.53
N ASN B 86 16.85 -27.31 -20.81
CA ASN B 86 16.21 -28.19 -21.78
C ASN B 86 16.65 -29.65 -21.64
N PRO B 87 15.84 -30.60 -22.17
CA PRO B 87 16.17 -32.02 -22.04
C PRO B 87 17.55 -32.37 -22.62
N ASN B 88 18.32 -33.14 -21.87
CA ASN B 88 19.63 -33.57 -22.32
C ASN B 88 19.69 -35.09 -22.49
N ARG B 89 18.53 -35.73 -22.52
CA ARG B 89 18.38 -37.09 -22.99
C ARG B 89 17.17 -37.09 -23.88
N GLU B 90 16.90 -38.20 -24.55
CA GLU B 90 15.76 -38.27 -25.45
C GLU B 90 14.44 -38.21 -24.69
N LEU B 91 13.42 -37.64 -25.33
CA LEU B 91 12.09 -37.58 -24.76
C LEU B 91 11.38 -38.93 -24.89
N SER B 92 10.77 -39.39 -23.80
CA SER B 92 10.02 -40.63 -23.82
C SER B 92 9.01 -40.64 -22.68
N GLU B 93 7.86 -41.27 -22.91
CA GLU B 93 6.90 -41.51 -21.84
C GLU B 93 7.41 -42.62 -20.93
N ASP B 94 8.37 -43.39 -21.43
CA ASP B 94 9.07 -44.37 -20.62
C ASP B 94 10.20 -43.65 -19.87
N CYS B 95 9.87 -43.03 -18.74
CA CYS B 95 10.79 -42.12 -18.06
C CYS B 95 10.85 -42.27 -16.55
N LEU B 96 10.14 -43.24 -16.00
CA LEU B 96 10.07 -43.35 -14.55
C LEU B 96 11.26 -44.11 -13.93
N TYR B 97 12.39 -43.40 -13.85
CA TYR B 97 13.63 -43.95 -13.33
C TYR B 97 14.21 -43.00 -12.27
N LEU B 98 14.93 -43.56 -11.30
CA LEU B 98 15.59 -42.72 -10.29
C LEU B 98 17.08 -42.98 -10.21
N ASN B 99 17.78 -42.16 -9.43
CA ASN B 99 19.24 -42.22 -9.34
C ASN B 99 19.67 -42.18 -7.90
N VAL B 100 20.66 -43.01 -7.57
CA VAL B 100 21.23 -43.01 -6.23
C VAL B 100 22.73 -42.75 -6.33
N TRP B 101 23.21 -41.76 -5.58
CA TRP B 101 24.65 -41.57 -5.41
C TRP B 101 25.03 -41.90 -3.97
N THR B 102 26.12 -42.65 -3.80
CA THR B 102 26.57 -43.06 -2.47
C THR B 102 28.09 -42.99 -2.40
N PRO B 103 28.64 -42.83 -1.19
CA PRO B 103 30.11 -42.77 -1.06
C PRO B 103 30.79 -44.08 -1.44
N TYR B 104 32.05 -43.99 -1.84
CA TYR B 104 32.86 -45.14 -2.26
C TYR B 104 34.13 -45.19 -1.40
N PRO B 105 34.25 -46.21 -0.54
CA PRO B 105 33.35 -47.36 -0.38
C PRO B 105 32.03 -47.02 0.29
N ARG B 106 31.04 -47.87 0.02
CA ARG B 106 29.71 -47.77 0.59
C ARG B 106 29.79 -47.61 2.11
N PRO B 107 28.95 -46.72 2.67
CA PRO B 107 28.94 -46.43 4.11
C PRO B 107 28.78 -47.68 4.97
N THR B 108 29.54 -47.75 6.06
CA THR B 108 29.47 -48.87 6.98
C THR B 108 28.23 -48.78 7.87
N SER B 109 27.89 -47.56 8.28
CA SER B 109 26.72 -47.32 9.12
C SER B 109 25.69 -46.44 8.40
N PRO B 110 24.39 -46.60 8.71
CA PRO B 110 23.28 -45.88 8.06
C PRO B 110 23.52 -44.37 7.92
N THR B 111 23.37 -43.88 6.69
CA THR B 111 23.75 -42.51 6.32
C THR B 111 22.52 -41.68 5.92
N PRO B 112 22.44 -40.43 6.39
CA PRO B 112 21.36 -39.50 6.01
C PRO B 112 21.21 -39.36 4.49
N VAL B 113 19.96 -39.30 4.05
CA VAL B 113 19.64 -39.24 2.64
C VAL B 113 19.00 -37.92 2.23
N LEU B 114 19.54 -37.31 1.18
CA LEU B 114 18.90 -36.18 0.52
C LEU B 114 18.17 -36.63 -0.76
N VAL B 115 16.88 -36.32 -0.87
CA VAL B 115 16.13 -36.62 -2.09
C VAL B 115 15.77 -35.35 -2.86
N TRP B 116 16.35 -35.20 -4.05
CA TRP B 116 16.11 -34.04 -4.91
C TRP B 116 14.86 -34.17 -5.77
N ILE B 117 14.05 -33.11 -5.80
CA ILE B 117 12.92 -33.05 -6.72
C ILE B 117 13.07 -31.81 -7.59
N TYR B 118 13.32 -32.02 -8.88
CA TYR B 118 13.57 -30.89 -9.77
C TYR B 118 12.35 -30.03 -9.98
N GLY B 119 12.57 -28.77 -10.31
CA GLY B 119 11.51 -27.86 -10.71
C GLY B 119 11.37 -27.79 -12.23
N GLY B 120 10.70 -26.74 -12.70
CA GLY B 120 10.38 -26.62 -14.12
C GLY B 120 8.90 -26.43 -14.38
N GLY B 121 8.22 -25.77 -13.44
CA GLY B 121 6.82 -25.39 -13.60
C GLY B 121 5.82 -26.51 -13.72
N PHE B 122 6.24 -27.73 -13.37
CA PHE B 122 5.44 -28.94 -13.55
C PHE B 122 5.23 -29.31 -15.02
N TYR B 123 5.88 -28.60 -15.95
CA TYR B 123 5.72 -28.89 -17.38
C TYR B 123 7.03 -29.38 -18.01
N SER B 124 8.12 -29.33 -17.25
CA SER B 124 9.45 -29.60 -17.77
C SER B 124 10.37 -30.02 -16.65
N GLY B 125 11.62 -30.35 -16.99
CA GLY B 125 12.62 -30.69 -16.00
C GLY B 125 13.03 -32.15 -16.10
N ALA B 126 14.17 -32.47 -15.49
CA ALA B 126 14.69 -33.84 -15.51
C ALA B 126 15.80 -34.00 -14.47
N SER B 127 15.96 -35.20 -13.94
CA SER B 127 17.00 -35.41 -12.94
C SER B 127 18.39 -35.56 -13.56
N SER B 128 18.44 -35.57 -14.89
CA SER B 128 19.68 -35.77 -15.61
C SER B 128 20.45 -34.48 -15.92
N LEU B 129 19.81 -33.33 -15.73
CA LEU B 129 20.45 -32.05 -16.01
C LEU B 129 21.79 -31.90 -15.29
N ASP B 130 22.77 -31.30 -15.97
CA ASP B 130 24.11 -31.16 -15.42
C ASP B 130 24.12 -30.49 -14.07
N VAL B 131 23.24 -29.52 -13.92
CA VAL B 131 23.15 -28.73 -12.70
C VAL B 131 22.60 -29.51 -11.49
N TYR B 132 22.06 -30.71 -11.69
CA TYR B 132 21.56 -31.54 -10.57
C TYR B 132 22.46 -32.73 -10.28
N ASP B 133 23.68 -32.69 -10.80
CA ASP B 133 24.66 -33.75 -10.60
C ASP B 133 25.00 -33.90 -9.11
N GLY B 134 24.57 -35.03 -8.53
CA GLY B 134 24.74 -35.27 -7.11
C GLY B 134 26.11 -35.74 -6.65
N ARG B 135 27.06 -35.89 -7.57
CA ARG B 135 28.35 -36.47 -7.18
C ARG B 135 29.11 -35.63 -6.13
N PHE B 136 29.07 -34.31 -6.28
CA PHE B 136 29.80 -33.40 -5.39
C PHE B 136 29.25 -33.35 -3.96
N LEU B 137 27.93 -33.25 -3.82
CA LEU B 137 27.32 -33.28 -2.49
C LEU B 137 27.69 -34.56 -1.75
N VAL B 138 27.64 -35.68 -2.46
CA VAL B 138 27.90 -36.96 -1.83
C VAL B 138 29.35 -37.05 -1.40
N GLN B 139 30.25 -36.61 -2.26
CA GLN B 139 31.67 -36.60 -1.93
C GLN B 139 32.01 -35.61 -0.80
N ALA B 140 31.53 -34.38 -0.92
CA ALA B 140 31.86 -33.35 0.07
C ALA B 140 31.29 -33.66 1.44
N GLU B 141 30.06 -34.18 1.47
CA GLU B 141 29.34 -34.24 2.74
C GLU B 141 28.96 -35.64 3.20
N ARG B 142 29.33 -36.65 2.40
CA ARG B 142 29.10 -38.05 2.74
C ARG B 142 27.64 -38.36 3.08
N THR B 143 26.71 -37.82 2.31
CA THR B 143 25.33 -38.24 2.42
C THR B 143 25.04 -39.18 1.26
N VAL B 144 23.90 -39.83 1.28
CA VAL B 144 23.36 -40.49 0.09
C VAL B 144 22.38 -39.52 -0.57
N LEU B 145 22.47 -39.41 -1.89
CA LEU B 145 21.62 -38.50 -2.65
C LEU B 145 20.75 -39.32 -3.63
N VAL B 146 19.44 -39.07 -3.60
CA VAL B 146 18.51 -39.67 -4.53
C VAL B 146 17.81 -38.59 -5.34
N SER B 147 17.62 -38.82 -6.64
CA SER B 147 16.75 -37.98 -7.44
C SER B 147 15.89 -38.87 -8.35
N MET B 148 14.67 -38.42 -8.65
CA MET B 148 13.79 -39.21 -9.53
C MET B 148 13.26 -38.37 -10.68
N ASN B 149 12.89 -39.04 -11.76
CA ASN B 149 12.11 -38.39 -12.79
C ASN B 149 10.64 -38.57 -12.45
N TYR B 150 9.82 -37.56 -12.76
CA TYR B 150 8.39 -37.69 -12.56
C TYR B 150 7.72 -37.03 -13.75
N ARG B 151 6.56 -37.55 -14.12
CA ARG B 151 5.85 -37.08 -15.29
C ARG B 151 5.44 -35.61 -15.14
N VAL B 152 5.55 -34.87 -16.23
CA VAL B 152 5.26 -33.46 -16.25
C VAL B 152 4.28 -33.16 -17.38
N GLY B 153 3.81 -31.91 -17.44
CA GLY B 153 2.84 -31.51 -18.45
C GLY B 153 1.56 -32.33 -18.39
N ALA B 154 0.88 -32.47 -19.52
CA ALA B 154 -0.35 -33.25 -19.56
C ALA B 154 -0.13 -34.68 -19.06
N PHE B 155 1.02 -35.27 -19.36
CA PHE B 155 1.27 -36.66 -18.97
C PHE B 155 1.28 -36.87 -17.48
N GLY B 156 1.70 -35.85 -16.74
CA GLY B 156 1.78 -35.95 -15.31
C GLY B 156 0.63 -35.30 -14.56
N PHE B 157 -0.05 -34.35 -15.20
CA PHE B 157 -1.00 -33.51 -14.47
C PHE B 157 -2.29 -33.12 -15.17
N LEU B 158 -2.55 -33.66 -16.37
CA LEU B 158 -3.86 -33.42 -16.97
C LEU B 158 -4.88 -34.10 -16.06
N ALA B 159 -5.98 -33.42 -15.80
CA ALA B 159 -6.97 -33.96 -14.88
C ALA B 159 -8.39 -33.79 -15.38
N LEU B 160 -9.13 -34.89 -15.38
CA LEU B 160 -10.58 -34.81 -15.49
C LEU B 160 -11.11 -35.29 -14.16
N PRO B 161 -11.22 -34.38 -13.18
CA PRO B 161 -11.49 -34.73 -11.79
C PRO B 161 -12.74 -35.58 -11.67
N GLY B 162 -12.66 -36.65 -10.89
CA GLY B 162 -13.75 -37.60 -10.75
C GLY B 162 -13.52 -38.89 -11.51
N SER B 163 -13.04 -38.77 -12.75
CA SER B 163 -12.80 -39.93 -13.60
C SER B 163 -11.66 -40.80 -13.11
N ARG B 164 -11.72 -42.10 -13.38
CA ARG B 164 -10.64 -43.00 -13.02
C ARG B 164 -9.52 -42.97 -14.07
N GLU B 165 -9.84 -42.47 -15.26
CA GLU B 165 -8.94 -42.55 -16.40
C GLU B 165 -7.93 -41.40 -16.50
N ALA B 166 -8.20 -40.30 -15.80
CA ALA B 166 -7.26 -39.19 -15.71
C ALA B 166 -7.53 -38.40 -14.46
N PRO B 167 -7.25 -39.00 -13.29
CA PRO B 167 -7.63 -38.45 -11.99
C PRO B 167 -6.83 -37.22 -11.59
N GLY B 168 -5.75 -36.96 -12.33
CA GLY B 168 -4.84 -35.87 -12.03
C GLY B 168 -3.79 -36.25 -11.01
N ASN B 169 -2.79 -35.38 -10.85
CA ASN B 169 -1.75 -35.52 -9.84
C ASN B 169 -0.83 -36.75 -9.95
N VAL B 170 -0.82 -37.41 -11.11
CA VAL B 170 -0.03 -38.64 -11.23
C VAL B 170 1.48 -38.38 -11.16
N GLY B 171 1.91 -37.19 -11.59
CA GLY B 171 3.28 -36.78 -11.41
C GLY B 171 3.69 -36.73 -9.94
N LEU B 172 2.76 -36.32 -9.08
CA LEU B 172 3.05 -36.30 -7.63
C LEU B 172 3.06 -37.72 -7.10
N LEU B 173 2.22 -38.58 -7.67
CA LEU B 173 2.25 -40.00 -7.31
C LEU B 173 3.55 -40.68 -7.77
N ASP B 174 4.08 -40.25 -8.91
CA ASP B 174 5.40 -40.73 -9.36
C ASP B 174 6.42 -40.44 -8.26
N GLN B 175 6.39 -39.19 -7.78
CA GLN B 175 7.29 -38.76 -6.73
C GLN B 175 7.13 -39.59 -5.47
N ARG B 176 5.89 -39.80 -5.05
CA ARG B 176 5.63 -40.58 -3.85
C ARG B 176 6.14 -42.01 -3.98
N LEU B 177 5.90 -42.63 -5.13
CA LEU B 177 6.33 -44.01 -5.37
C LEU B 177 7.84 -44.11 -5.19
N ALA B 178 8.55 -43.12 -5.73
CA ALA B 178 9.99 -43.06 -5.61
C ALA B 178 10.40 -42.95 -4.14
N LEU B 179 9.63 -42.17 -3.38
CA LEU B 179 9.89 -41.99 -1.95
C LEU B 179 9.68 -43.31 -1.20
N GLN B 180 8.64 -44.03 -1.56
CA GLN B 180 8.40 -45.39 -1.01
C GLN B 180 9.56 -46.31 -1.37
N TRP B 181 10.07 -46.15 -2.59
CA TRP B 181 11.22 -46.94 -3.03
C TRP B 181 12.43 -46.63 -2.15
N VAL B 182 12.59 -45.36 -1.78
CA VAL B 182 13.69 -44.96 -0.90
C VAL B 182 13.58 -45.65 0.47
N GLN B 183 12.37 -45.68 1.02
CA GLN B 183 12.11 -46.38 2.28
C GLN B 183 12.45 -47.86 2.20
N GLU B 184 11.96 -48.54 1.16
CA GLU B 184 12.21 -49.96 1.03
C GLU B 184 13.65 -50.31 0.66
N ASN B 185 14.33 -49.41 -0.06
CA ASN B 185 15.58 -49.79 -0.71
C ASN B 185 16.86 -49.04 -0.36
N VAL B 186 16.77 -47.86 0.27
CA VAL B 186 17.95 -47.02 0.38
C VAL B 186 19.00 -47.61 1.35
N ALA B 187 18.54 -48.47 2.25
CA ALA B 187 19.45 -49.12 3.19
C ALA B 187 20.47 -49.97 2.46
N ALA B 188 20.03 -50.60 1.36
CA ALA B 188 20.93 -51.44 0.56
C ALA B 188 22.12 -50.66 0.00
N PHE B 189 21.99 -49.33 -0.06
CA PHE B 189 23.10 -48.47 -0.51
C PHE B 189 23.83 -47.83 0.67
N GLY B 190 23.43 -48.19 1.88
CA GLY B 190 24.05 -47.62 3.07
C GLY B 190 23.32 -46.37 3.60
N GLY B 191 22.12 -46.12 3.10
CA GLY B 191 21.34 -44.98 3.52
C GLY B 191 20.40 -45.28 4.66
N ASP B 192 20.04 -44.23 5.40
CA ASP B 192 19.17 -44.34 6.56
C ASP B 192 17.76 -43.90 6.20
N PRO B 193 16.82 -44.86 6.08
CA PRO B 193 15.43 -44.50 5.78
C PRO B 193 14.75 -43.74 6.92
N THR B 194 15.38 -43.69 8.08
CA THR B 194 14.84 -42.94 9.20
C THR B 194 15.35 -41.49 9.21
N SER B 195 16.29 -41.19 8.31
CA SER B 195 16.75 -39.81 8.13
C SER B 195 16.71 -39.36 6.66
N VAL B 196 15.52 -39.02 6.18
CA VAL B 196 15.37 -38.62 4.79
C VAL B 196 14.89 -37.18 4.66
N THR B 197 15.67 -36.38 3.94
CA THR B 197 15.39 -34.96 3.77
C THR B 197 15.08 -34.65 2.30
N LEU B 198 13.86 -34.20 2.05
CA LEU B 198 13.46 -33.77 0.71
C LEU B 198 13.96 -32.37 0.43
N PHE B 199 14.48 -32.14 -0.77
CA PHE B 199 14.71 -30.78 -1.21
C PHE B 199 14.37 -30.59 -2.69
N GLY B 200 13.85 -29.41 -3.01
CA GLY B 200 13.46 -29.11 -4.37
C GLY B 200 13.46 -27.61 -4.60
N GLU B 201 13.41 -27.21 -5.86
CA GLU B 201 13.45 -25.80 -6.21
C GLU B 201 12.30 -25.55 -7.16
N SER B 202 11.74 -24.34 -7.09
CA SER B 202 10.49 -23.96 -7.78
C SER B 202 9.40 -25.03 -7.67
N ALA B 203 8.98 -25.60 -8.78
CA ALA B 203 7.95 -26.66 -8.77
C ALA B 203 8.33 -27.86 -7.90
N GLY B 204 9.63 -28.11 -7.78
CA GLY B 204 10.12 -29.16 -6.90
C GLY B 204 9.91 -28.78 -5.44
N ALA B 205 10.12 -27.51 -5.14
CA ALA B 205 9.90 -27.00 -3.79
C ALA B 205 8.41 -27.07 -3.46
N ALA B 206 7.58 -26.69 -4.43
CA ALA B 206 6.14 -26.79 -4.28
C ALA B 206 5.72 -28.25 -4.09
N SER B 207 6.37 -29.16 -4.82
CA SER B 207 6.14 -30.59 -4.63
C SER B 207 6.50 -31.01 -3.21
N VAL B 208 7.66 -30.56 -2.73
CA VAL B 208 8.08 -30.90 -1.38
C VAL B 208 7.01 -30.48 -0.38
N GLY B 209 6.49 -29.26 -0.55
CA GLY B 209 5.46 -28.73 0.31
C GLY B 209 4.17 -29.54 0.27
N MET B 210 3.81 -30.01 -0.92
CA MET B 210 2.62 -30.83 -1.05
C MET B 210 2.77 -32.17 -0.36
N HIS B 211 3.95 -32.77 -0.43
CA HIS B 211 4.19 -34.00 0.31
C HIS B 211 4.02 -33.76 1.80
N LEU B 212 4.43 -32.57 2.26
CA LEU B 212 4.23 -32.17 3.66
C LEU B 212 2.75 -32.12 4.04
N LEU B 213 1.90 -31.72 3.10
CA LEU B 213 0.49 -31.50 3.35
C LEU B 213 -0.38 -32.70 3.00
N SER B 214 0.26 -33.81 2.64
CA SER B 214 -0.47 -35.01 2.24
C SER B 214 -0.02 -36.18 3.11
N PRO B 215 -0.90 -36.64 4.00
CA PRO B 215 -0.56 -37.69 4.98
C PRO B 215 0.16 -38.93 4.44
N PRO B 216 -0.28 -39.54 3.32
CA PRO B 216 0.46 -40.74 2.89
C PRO B 216 1.91 -40.45 2.50
N SER B 217 2.23 -39.20 2.16
CA SER B 217 3.63 -38.85 1.86
C SER B 217 4.40 -38.59 3.13
N ARG B 218 3.69 -38.10 4.16
CA ARG B 218 4.33 -37.52 5.33
C ARG B 218 5.15 -38.55 6.11
N GLY B 219 4.77 -39.81 6.00
CA GLY B 219 5.50 -40.88 6.66
C GLY B 219 6.79 -41.28 5.96
N LEU B 220 7.02 -40.74 4.76
CA LEU B 220 8.17 -41.16 3.95
C LEU B 220 9.42 -40.29 4.10
N PHE B 221 9.32 -39.21 4.88
CA PHE B 221 10.48 -38.34 5.09
C PHE B 221 10.39 -37.62 6.43
N HIS B 222 11.44 -36.85 6.76
CA HIS B 222 11.57 -36.27 8.09
C HIS B 222 11.82 -34.77 8.08
N ARG B 223 12.43 -34.28 7.02
CA ARG B 223 12.75 -32.86 6.91
C ARG B 223 12.51 -32.39 5.49
N ALA B 224 12.37 -31.08 5.34
CA ALA B 224 12.02 -30.51 4.05
C ALA B 224 12.82 -29.25 3.76
N VAL B 225 13.18 -29.07 2.49
CA VAL B 225 13.86 -27.86 2.02
C VAL B 225 13.14 -27.34 0.77
N LEU B 226 12.66 -26.10 0.83
CA LEU B 226 11.90 -25.51 -0.27
C LEU B 226 12.64 -24.30 -0.80
N GLN B 227 13.20 -24.42 -1.99
CA GLN B 227 13.96 -23.35 -2.61
C GLN B 227 13.13 -22.62 -3.67
N SER B 228 12.85 -21.34 -3.43
CA SER B 228 12.13 -20.51 -4.41
C SER B 228 10.81 -21.13 -4.89
N GLY B 229 10.04 -21.69 -3.96
CA GLY B 229 8.77 -22.27 -4.33
C GLY B 229 8.01 -22.75 -3.12
N ALA B 230 6.69 -22.85 -3.26
CA ALA B 230 5.81 -23.19 -2.15
C ALA B 230 4.54 -23.79 -2.74
N PRO B 231 3.92 -24.74 -2.03
CA PRO B 231 2.71 -25.39 -2.55
C PRO B 231 1.55 -24.42 -2.70
N ASN B 232 1.56 -23.34 -1.89
CA ASN B 232 0.55 -22.29 -1.94
C ASN B 232 0.74 -21.18 -3.00
N GLY B 233 1.81 -21.25 -3.80
CA GLY B 233 1.96 -20.32 -4.91
C GLY B 233 0.78 -20.37 -5.90
N PRO B 234 0.34 -19.20 -6.42
CA PRO B 234 -0.79 -19.11 -7.35
C PRO B 234 -0.60 -19.83 -8.70
N TRP B 235 0.57 -20.40 -8.94
CA TRP B 235 0.85 -21.14 -10.18
C TRP B 235 0.89 -22.65 -9.93
N ALA B 236 1.01 -23.02 -8.65
CA ALA B 236 1.37 -24.38 -8.24
C ALA B 236 0.20 -25.34 -8.14
N THR B 237 -1.02 -24.81 -8.05
CA THR B 237 -2.20 -25.66 -8.10
C THR B 237 -3.26 -25.00 -8.93
N VAL B 238 -4.28 -25.79 -9.26
CA VAL B 238 -5.40 -25.29 -10.01
C VAL B 238 -6.66 -25.96 -9.43
N GLY B 239 -7.81 -25.29 -9.55
CA GLY B 239 -9.06 -25.86 -9.08
C GLY B 239 -9.59 -26.97 -9.99
N MET B 240 -10.56 -27.74 -9.50
CA MET B 240 -11.12 -28.87 -10.25
C MET B 240 -11.71 -28.45 -11.59
N GLY B 241 -12.47 -27.35 -11.58
CA GLY B 241 -13.18 -26.91 -12.75
C GLY B 241 -12.28 -26.33 -13.81
N GLU B 242 -11.28 -25.56 -13.39
CA GLU B 242 -10.32 -24.99 -14.32
C GLU B 242 -9.45 -26.10 -14.94
N ALA B 243 -9.11 -27.10 -14.14
CA ALA B 243 -8.33 -28.24 -14.63
C ALA B 243 -9.11 -28.99 -15.71
N ARG B 244 -10.40 -29.20 -15.46
CA ARG B 244 -11.27 -29.87 -16.43
C ARG B 244 -11.39 -29.05 -17.71
N ARG B 245 -11.48 -27.75 -17.56
CA ARG B 245 -11.61 -26.87 -18.72
C ARG B 245 -10.38 -26.95 -19.61
N ARG B 246 -9.20 -26.92 -18.97
CA ARG B 246 -7.93 -27.03 -19.69
C ARG B 246 -7.79 -28.41 -20.36
N ALA B 247 -8.14 -29.45 -19.62
CA ALA B 247 -8.08 -30.81 -20.14
C ALA B 247 -8.98 -30.90 -21.36
N THR B 248 -10.21 -30.41 -21.21
CA THR B 248 -11.21 -30.49 -22.27
C THR B 248 -10.78 -29.69 -23.49
N GLN B 249 -10.23 -28.49 -23.27
CA GLN B 249 -9.76 -27.67 -24.38
C GLN B 249 -8.60 -28.34 -25.12
N LEU B 250 -7.70 -28.99 -24.40
CA LEU B 250 -6.59 -29.70 -25.02
C LEU B 250 -7.12 -30.79 -25.94
N ALA B 251 -8.01 -31.63 -25.41
CA ALA B 251 -8.63 -32.69 -26.17
C ALA B 251 -9.28 -32.12 -27.43
N HIS B 252 -10.05 -31.05 -27.25
CA HIS B 252 -10.70 -30.39 -28.38
C HIS B 252 -9.69 -29.95 -29.44
N LEU B 253 -8.60 -29.34 -29.00
CA LEU B 253 -7.60 -28.82 -29.94
C LEU B 253 -6.88 -29.93 -30.74
N VAL B 254 -6.94 -31.15 -30.23
CA VAL B 254 -6.32 -32.29 -30.91
C VAL B 254 -7.36 -33.28 -31.43
N GLY B 255 -8.62 -32.85 -31.51
CA GLY B 255 -9.68 -33.63 -32.13
C GLY B 255 -10.45 -34.62 -31.26
N CYS B 256 -10.44 -34.41 -29.96
CA CYS B 256 -11.12 -35.30 -29.04
C CYS B 256 -12.22 -34.58 -28.26
N PRO B 257 -13.47 -35.09 -28.33
CA PRO B 257 -13.85 -36.23 -29.17
C PRO B 257 -14.20 -35.71 -30.55
N PRO B 258 -14.29 -36.60 -31.56
CA PRO B 258 -14.71 -36.19 -32.89
C PRO B 258 -16.18 -35.78 -32.90
N THR B 261 -16.30 -31.69 -27.97
CA THR B 261 -15.97 -31.14 -26.65
C THR B 261 -16.63 -31.92 -25.51
N GLY B 262 -15.81 -32.49 -24.63
CA GLY B 262 -16.32 -33.17 -23.45
C GLY B 262 -16.93 -34.52 -23.75
N GLY B 263 -18.12 -34.76 -23.20
CA GLY B 263 -18.79 -36.03 -23.33
C GLY B 263 -18.36 -37.00 -22.24
N ASN B 264 -18.41 -38.30 -22.55
CA ASN B 264 -17.91 -39.35 -21.65
C ASN B 264 -16.44 -39.10 -21.35
N ASP B 265 -16.05 -39.08 -20.08
CA ASP B 265 -14.65 -38.91 -19.72
C ASP B 265 -13.81 -40.08 -20.25
N THR B 266 -14.29 -41.29 -20.01
CA THR B 266 -13.63 -42.52 -20.45
C THR B 266 -13.27 -42.48 -21.93
N GLU B 267 -14.20 -42.01 -22.75
CA GLU B 267 -13.97 -41.91 -24.18
C GLU B 267 -13.02 -40.78 -24.54
N LEU B 268 -13.19 -39.63 -23.88
CA LEU B 268 -12.31 -38.49 -24.14
C LEU B 268 -10.87 -38.85 -23.83
N VAL B 269 -10.65 -39.54 -22.72
CA VAL B 269 -9.30 -39.93 -22.35
C VAL B 269 -8.77 -40.97 -23.34
N ALA B 270 -9.61 -41.94 -23.69
CA ALA B 270 -9.22 -42.97 -24.65
C ALA B 270 -8.79 -42.35 -25.99
N CYS B 271 -9.53 -41.35 -26.46
CA CYS B 271 -9.12 -40.63 -27.65
C CYS B 271 -7.79 -39.90 -27.44
N LEU B 272 -7.56 -39.36 -26.23
CA LEU B 272 -6.31 -38.66 -25.94
C LEU B 272 -5.13 -39.63 -25.95
N ARG B 273 -5.36 -40.85 -25.47
CA ARG B 273 -4.30 -41.85 -25.40
C ARG B 273 -3.78 -42.28 -26.78
N THR B 274 -4.54 -41.99 -27.83
CA THR B 274 -4.15 -42.43 -29.18
C THR B 274 -3.33 -41.36 -29.87
N ARG B 275 -3.24 -40.19 -29.26
CA ARG B 275 -2.46 -39.10 -29.85
C ARG B 275 -0.98 -39.26 -29.52
N PRO B 276 -0.11 -39.00 -30.51
CA PRO B 276 1.34 -39.01 -30.23
C PRO B 276 1.66 -37.97 -29.14
N ALA B 277 2.61 -38.31 -28.26
CA ALA B 277 3.03 -37.42 -27.18
C ALA B 277 3.28 -36.00 -27.69
N GLN B 278 4.04 -35.89 -28.77
CA GLN B 278 4.43 -34.59 -29.28
C GLN B 278 3.24 -33.73 -29.70
N VAL B 279 2.16 -34.38 -30.13
CA VAL B 279 0.97 -33.64 -30.52
C VAL B 279 0.33 -32.94 -29.31
N LEU B 280 0.27 -33.63 -28.17
CA LEU B 280 -0.26 -33.04 -26.94
C LEU B 280 0.59 -31.82 -26.54
N VAL B 281 1.90 -32.04 -26.47
CA VAL B 281 2.87 -31.00 -26.14
C VAL B 281 2.77 -29.77 -27.05
N ASN B 282 2.47 -29.97 -28.32
CA ASN B 282 2.41 -28.84 -29.27
C ASN B 282 1.27 -27.88 -28.98
N HIS B 283 0.28 -28.35 -28.22
CA HIS B 283 -0.89 -27.52 -27.92
C HIS B 283 -0.98 -27.13 -26.46
N GLU B 284 0.00 -27.54 -25.66
CA GLU B 284 -0.02 -27.34 -24.22
C GLU B 284 -0.25 -25.88 -23.79
N TRP B 285 0.53 -24.96 -24.34
CA TRP B 285 0.44 -23.56 -23.93
C TRP B 285 -0.85 -22.87 -24.37
N HIS B 286 -1.58 -23.51 -25.29
CA HIS B 286 -2.80 -22.93 -25.83
C HIS B 286 -4.00 -22.97 -24.87
N VAL B 287 -3.93 -23.80 -23.83
CA VAL B 287 -5.06 -23.93 -22.92
C VAL B 287 -5.05 -22.90 -21.78
N LEU B 288 -3.99 -22.10 -21.67
CA LEU B 288 -3.98 -21.02 -20.68
C LEU B 288 -5.01 -19.96 -21.09
N PRO B 289 -5.91 -19.63 -20.16
CA PRO B 289 -7.06 -18.75 -20.44
C PRO B 289 -6.68 -17.32 -20.81
N GLN B 290 -5.61 -16.79 -20.22
CA GLN B 290 -5.19 -15.43 -20.51
C GLN B 290 -3.68 -15.33 -20.73
N GLU B 291 -3.28 -14.27 -21.44
CA GLU B 291 -1.88 -13.91 -21.61
C GLU B 291 -1.21 -13.80 -20.23
N SER B 292 -0.05 -14.44 -20.06
CA SER B 292 0.57 -14.52 -18.75
C SER B 292 2.06 -14.82 -18.81
N VAL B 293 2.73 -14.72 -17.65
CA VAL B 293 4.02 -15.38 -17.41
C VAL B 293 3.90 -16.08 -16.06
N PHE B 294 4.77 -17.05 -15.82
CA PHE B 294 4.75 -17.81 -14.56
C PHE B 294 3.42 -18.52 -14.35
N ARG B 295 2.78 -18.93 -15.45
CA ARG B 295 1.60 -19.79 -15.38
C ARG B 295 1.80 -20.99 -16.28
N PHE B 296 1.39 -22.16 -15.79
CA PHE B 296 1.67 -23.41 -16.49
C PHE B 296 0.39 -24.23 -16.60
N SER B 297 0.18 -24.85 -17.75
CA SER B 297 -1.12 -25.43 -18.08
C SER B 297 -1.57 -26.56 -17.16
N PHE B 298 -0.69 -27.52 -16.92
CA PHE B 298 -1.09 -28.69 -16.15
C PHE B 298 -0.26 -28.82 -14.88
N VAL B 299 -0.92 -28.56 -13.76
CA VAL B 299 -0.26 -28.49 -12.47
C VAL B 299 -1.10 -29.32 -11.49
N PRO B 300 -0.60 -29.55 -10.27
CA PRO B 300 -1.43 -30.28 -9.30
C PRO B 300 -2.84 -29.71 -9.16
N VAL B 301 -3.81 -30.62 -8.99
CA VAL B 301 -5.20 -30.23 -8.84
C VAL B 301 -5.64 -30.44 -7.40
N VAL B 302 -6.38 -29.48 -6.86
CA VAL B 302 -6.98 -29.63 -5.54
C VAL B 302 -8.30 -30.35 -5.77
N ASP B 303 -8.32 -31.65 -5.43
CA ASP B 303 -9.48 -32.45 -5.76
C ASP B 303 -9.98 -33.25 -4.56
N GLY B 304 -9.38 -33.03 -3.40
CA GLY B 304 -9.82 -33.70 -2.19
C GLY B 304 -9.12 -35.02 -1.94
N ASP B 305 -8.23 -35.42 -2.85
CA ASP B 305 -7.54 -36.70 -2.69
C ASP B 305 -6.10 -36.51 -2.19
N PHE B 306 -5.16 -36.25 -3.10
CA PHE B 306 -3.77 -36.01 -2.69
C PHE B 306 -3.73 -34.78 -1.78
N LEU B 307 -4.46 -33.76 -2.17
CA LEU B 307 -4.67 -32.55 -1.39
C LEU B 307 -6.14 -32.47 -0.99
N SER B 308 -6.42 -32.67 0.29
CA SER B 308 -7.80 -32.74 0.77
C SER B 308 -8.46 -31.35 0.80
N ASP B 309 -7.63 -30.32 0.74
CA ASP B 309 -8.12 -28.94 0.66
C ASP B 309 -6.99 -28.16 -0.01
N THR B 310 -7.19 -26.86 -0.21
CA THR B 310 -6.15 -26.02 -0.80
C THR B 310 -4.90 -26.06 0.07
N PRO B 311 -3.73 -25.88 -0.55
CA PRO B 311 -2.51 -25.83 0.26
C PRO B 311 -2.57 -24.69 1.28
N GLU B 312 -3.13 -23.55 0.90
CA GLU B 312 -3.30 -22.43 1.82
C GLU B 312 -4.06 -22.88 3.08
N ALA B 313 -5.26 -23.43 2.90
CA ALA B 313 -6.02 -24.00 4.00
C ALA B 313 -5.25 -25.03 4.83
N LEU B 314 -4.68 -26.04 4.18
CA LEU B 314 -3.95 -27.10 4.87
C LEU B 314 -2.81 -26.58 5.71
N ILE B 315 -2.08 -25.60 5.17
CA ILE B 315 -1.02 -24.94 5.89
C ILE B 315 -1.60 -24.26 7.14
N ASN B 316 -2.58 -23.38 6.94
CA ASN B 316 -3.18 -22.61 8.03
C ASN B 316 -3.72 -23.46 9.18
N ALA B 317 -4.15 -24.67 8.86
CA ALA B 317 -4.82 -25.52 9.84
C ALA B 317 -4.05 -26.80 10.14
N GLY B 318 -2.74 -26.72 10.26
CA GLY B 318 -1.94 -27.91 10.46
C GLY B 318 -1.05 -27.88 11.70
N ASP B 319 -0.72 -29.05 12.22
CA ASP B 319 0.20 -29.18 13.33
C ASP B 319 1.55 -29.59 12.80
N PHE B 320 2.56 -28.76 13.00
CA PHE B 320 3.87 -29.00 12.41
C PHE B 320 4.95 -29.19 13.46
N HIS B 321 4.56 -29.53 14.67
CA HIS B 321 5.52 -29.85 15.72
C HIS B 321 6.34 -31.07 15.32
N GLY B 322 7.65 -31.00 15.51
CA GLY B 322 8.55 -32.10 15.19
C GLY B 322 9.12 -32.00 13.79
N LEU B 323 8.79 -30.92 13.11
CA LEU B 323 9.23 -30.69 11.74
C LEU B 323 10.30 -29.61 11.68
N GLN B 324 11.36 -29.89 10.94
CA GLN B 324 12.35 -28.85 10.64
C GLN B 324 12.31 -28.54 9.14
N VAL B 325 12.28 -27.25 8.80
CA VAL B 325 12.18 -26.84 7.41
C VAL B 325 13.19 -25.76 7.10
N LEU B 326 13.81 -25.84 5.93
CA LEU B 326 14.70 -24.80 5.42
C LEU B 326 14.08 -24.22 4.15
N VAL B 327 13.87 -22.91 4.13
CA VAL B 327 13.22 -22.26 2.98
C VAL B 327 13.98 -21.03 2.55
N GLY B 328 13.80 -20.64 1.29
CA GLY B 328 14.48 -19.45 0.82
C GLY B 328 14.14 -19.05 -0.60
N VAL B 329 14.73 -17.94 -1.03
CA VAL B 329 14.45 -17.37 -2.32
C VAL B 329 15.74 -16.79 -2.84
N VAL B 330 15.83 -16.55 -4.15
CA VAL B 330 16.96 -15.81 -4.69
C VAL B 330 16.63 -14.30 -4.63
N LYS B 331 17.62 -13.46 -4.89
CA LYS B 331 17.45 -12.02 -4.74
C LYS B 331 16.45 -11.41 -5.75
N ASP B 332 16.35 -12.02 -6.93
CA ASP B 332 15.48 -11.47 -7.97
C ASP B 332 14.62 -12.56 -8.61
N GLU B 333 13.64 -13.01 -7.83
CA GLU B 333 12.75 -14.08 -8.24
C GLU B 333 11.99 -13.80 -9.55
N GLY B 334 11.67 -12.53 -9.80
CA GLY B 334 10.77 -12.18 -10.88
C GLY B 334 11.37 -11.86 -12.24
N SER B 335 12.60 -11.37 -12.27
CA SER B 335 13.20 -10.83 -13.49
C SER B 335 13.21 -11.82 -14.66
N TYR B 336 13.57 -13.08 -14.38
CA TYR B 336 13.69 -14.13 -15.38
C TYR B 336 12.42 -14.24 -16.21
N PHE B 337 11.28 -14.17 -15.54
CA PHE B 337 9.99 -14.42 -16.17
C PHE B 337 9.53 -13.34 -17.12
N LEU B 338 10.10 -12.14 -17.00
CA LEU B 338 9.61 -11.00 -17.77
C LEU B 338 9.90 -11.11 -19.26
N VAL B 339 10.94 -11.85 -19.63
CA VAL B 339 11.29 -11.95 -21.05
C VAL B 339 10.44 -13.01 -21.76
N TYR B 340 9.51 -13.60 -21.02
CA TYR B 340 8.63 -14.60 -21.60
C TYR B 340 7.24 -14.05 -21.90
N GLY B 341 7.09 -12.73 -21.95
CA GLY B 341 5.78 -12.16 -22.28
C GLY B 341 5.44 -10.76 -21.82
N ALA B 342 6.20 -10.18 -20.89
CA ALA B 342 5.96 -8.79 -20.51
C ALA B 342 6.42 -7.87 -21.62
N PRO B 343 5.53 -6.98 -22.09
CA PRO B 343 5.86 -6.03 -23.17
C PRO B 343 7.07 -5.17 -22.85
N GLY B 344 7.97 -5.04 -23.82
CA GLY B 344 9.15 -4.21 -23.68
C GLY B 344 10.40 -4.91 -23.18
N PHE B 345 10.26 -6.17 -22.79
CA PHE B 345 11.39 -6.88 -22.19
C PHE B 345 12.20 -7.71 -23.18
N SER B 346 13.51 -7.75 -22.95
CA SER B 346 14.42 -8.57 -23.74
C SER B 346 15.68 -8.82 -22.92
N LYS B 347 16.30 -10.00 -23.08
CA LYS B 347 17.60 -10.21 -22.46
C LYS B 347 18.68 -9.38 -23.17
N ASP B 348 18.39 -9.00 -24.41
CA ASP B 348 19.37 -8.34 -25.27
C ASP B 348 19.38 -6.82 -25.17
N ASN B 349 18.45 -6.25 -24.42
CA ASN B 349 18.57 -4.83 -24.08
C ASN B 349 18.27 -4.55 -22.60
N GLU B 350 18.32 -3.26 -22.23
CA GLU B 350 18.18 -2.87 -20.84
C GLU B 350 16.76 -3.03 -20.32
N SER B 351 15.80 -3.26 -21.21
CA SER B 351 14.40 -3.43 -20.82
C SER B 351 13.90 -2.25 -19.99
N LEU B 352 14.30 -1.05 -20.40
CA LEU B 352 13.86 0.17 -19.74
C LEU B 352 12.47 0.54 -20.23
N ILE B 353 11.44 -0.05 -19.61
CA ILE B 353 10.07 0.07 -20.08
C ILE B 353 9.36 1.39 -19.76
N SER B 354 8.32 1.68 -20.54
CA SER B 354 7.48 2.84 -20.30
C SER B 354 6.43 2.53 -19.24
N ARG B 355 5.78 3.57 -18.75
CA ARG B 355 4.70 3.41 -17.80
C ARG B 355 3.58 2.57 -18.40
N ALA B 356 3.27 2.83 -19.66
CA ALA B 356 2.23 2.06 -20.33
C ALA B 356 2.58 0.57 -20.39
N GLU B 357 3.85 0.28 -20.63
CA GLU B 357 4.31 -1.10 -20.70
C GLU B 357 4.30 -1.76 -19.33
N PHE B 358 4.61 -0.98 -18.31
CA PHE B 358 4.52 -1.44 -16.94
C PHE B 358 3.09 -1.86 -16.61
N LEU B 359 2.13 -0.98 -16.92
CA LEU B 359 0.72 -1.24 -16.63
C LEU B 359 0.23 -2.48 -17.34
N ALA B 360 0.66 -2.66 -18.59
CA ALA B 360 0.28 -3.84 -19.35
C ALA B 360 0.95 -5.08 -18.77
N GLY B 361 2.20 -4.93 -18.34
CA GLY B 361 2.94 -6.03 -17.74
C GLY B 361 2.28 -6.53 -16.46
N VAL B 362 1.71 -5.62 -15.70
CA VAL B 362 1.01 -5.97 -14.47
C VAL B 362 -0.11 -7.00 -14.71
N ARG B 363 -0.89 -6.81 -15.77
CA ARG B 363 -1.97 -7.76 -16.11
C ARG B 363 -1.40 -9.10 -16.59
N VAL B 364 -0.21 -9.07 -17.18
CA VAL B 364 0.43 -10.29 -17.65
C VAL B 364 0.99 -11.06 -16.47
N GLY B 365 1.57 -10.32 -15.52
CA GLY B 365 2.22 -10.90 -14.35
C GLY B 365 1.25 -11.27 -13.25
N VAL B 366 0.06 -10.68 -13.29
CA VAL B 366 -0.97 -11.01 -12.32
C VAL B 366 -2.24 -11.26 -13.10
N PRO B 367 -2.28 -12.38 -13.85
CA PRO B 367 -3.38 -12.61 -14.78
C PRO B 367 -4.66 -13.03 -14.07
N GLN B 368 -5.79 -12.80 -14.75
CA GLN B 368 -7.10 -13.20 -14.25
C GLN B 368 -7.48 -12.69 -12.85
N VAL B 369 -7.24 -11.39 -12.61
CA VAL B 369 -7.78 -10.73 -11.44
C VAL B 369 -8.58 -9.51 -11.88
N SER B 370 -9.43 -9.00 -11.00
CA SER B 370 -10.28 -7.87 -11.32
C SER B 370 -9.48 -6.60 -11.61
N ASP B 371 -10.09 -5.67 -12.34
CA ASP B 371 -9.46 -4.38 -12.58
C ASP B 371 -9.12 -3.71 -11.25
N LEU B 372 -9.98 -3.88 -10.25
CA LEU B 372 -9.71 -3.30 -8.95
C LEU B 372 -8.45 -3.90 -8.33
N ALA B 373 -8.34 -5.22 -8.42
CA ALA B 373 -7.16 -5.93 -7.91
C ALA B 373 -5.88 -5.42 -8.56
N ALA B 374 -5.91 -5.31 -9.89
CA ALA B 374 -4.78 -4.77 -10.63
C ALA B 374 -4.43 -3.35 -10.18
N GLU B 375 -5.45 -2.51 -10.01
CA GLU B 375 -5.23 -1.14 -9.55
C GLU B 375 -4.54 -1.15 -8.19
N ALA B 376 -4.95 -2.09 -7.32
CA ALA B 376 -4.29 -2.23 -6.02
C ALA B 376 -2.82 -2.58 -6.17
N VAL B 377 -2.48 -3.42 -7.15
CA VAL B 377 -1.10 -3.78 -7.42
C VAL B 377 -0.30 -2.55 -7.90
N VAL B 378 -0.87 -1.80 -8.83
CA VAL B 378 -0.24 -0.60 -9.35
C VAL B 378 0.02 0.42 -8.24
N LEU B 379 -0.94 0.58 -7.35
CA LEU B 379 -0.78 1.45 -6.20
C LEU B 379 0.45 1.09 -5.37
N HIS B 380 0.55 -0.17 -4.98
N HIS B 380 0.54 -0.17 -4.98
CA HIS B 380 1.60 -0.60 -4.06
CA HIS B 380 1.59 -0.62 -4.08
C HIS B 380 2.99 -0.68 -4.70
C HIS B 380 2.96 -0.50 -4.73
N TYR B 381 3.05 -0.82 -6.03
CA TYR B 381 4.34 -0.93 -6.72
C TYR B 381 4.77 0.31 -7.51
N THR B 382 3.96 1.36 -7.48
CA THR B 382 4.35 2.61 -8.09
C THR B 382 5.02 3.51 -7.05
N ASP B 383 6.15 4.12 -7.42
CA ASP B 383 6.74 5.17 -6.61
C ASP B 383 6.15 6.47 -7.11
N TRP B 384 5.32 7.11 -6.30
CA TRP B 384 4.55 8.25 -6.80
C TRP B 384 5.33 9.55 -6.87
N LEU B 385 6.59 9.51 -6.46
CA LEU B 385 7.51 10.62 -6.73
C LEU B 385 8.26 10.39 -8.04
N HIS B 386 8.28 9.14 -8.51
CA HIS B 386 8.90 8.77 -9.78
C HIS B 386 8.02 7.77 -10.54
N PRO B 387 6.80 8.18 -10.93
CA PRO B 387 5.86 7.19 -11.48
C PRO B 387 6.25 6.68 -12.87
N GLU B 388 7.16 7.36 -13.55
CA GLU B 388 7.46 7.00 -14.93
C GLU B 388 8.92 6.69 -15.22
N ASP B 389 9.73 6.52 -14.18
CA ASP B 389 11.14 6.24 -14.37
C ASP B 389 11.36 4.79 -14.85
N PRO B 390 11.82 4.63 -16.10
CA PRO B 390 11.95 3.32 -16.74
C PRO B 390 12.66 2.25 -15.89
N ALA B 391 13.80 2.57 -15.30
CA ALA B 391 14.55 1.57 -14.54
C ALA B 391 13.77 1.10 -13.33
N ARG B 392 13.15 2.06 -12.63
CA ARG B 392 12.33 1.78 -11.46
C ARG B 392 11.11 0.93 -11.83
N LEU B 393 10.50 1.23 -12.97
CA LEU B 393 9.37 0.47 -13.48
C LEU B 393 9.78 -0.98 -13.78
N ARG B 394 10.94 -1.14 -14.42
CA ARG B 394 11.50 -2.46 -14.69
C ARG B 394 11.69 -3.26 -13.39
N GLU B 395 12.32 -2.64 -12.40
CA GLU B 395 12.54 -3.29 -11.12
C GLU B 395 11.20 -3.59 -10.43
N ALA B 396 10.26 -2.67 -10.53
CA ALA B 396 8.94 -2.84 -9.93
C ALA B 396 8.18 -4.02 -10.51
N LEU B 397 8.15 -4.13 -11.83
CA LEU B 397 7.45 -5.26 -12.45
C LEU B 397 8.09 -6.57 -12.02
N SER B 398 9.41 -6.59 -11.94
CA SER B 398 10.15 -7.75 -11.43
C SER B 398 9.67 -8.13 -10.03
N ASP B 399 9.57 -7.14 -9.17
CA ASP B 399 9.13 -7.35 -7.80
C ASP B 399 7.70 -7.88 -7.76
N VAL B 400 6.83 -7.30 -8.58
CA VAL B 400 5.46 -7.79 -8.67
C VAL B 400 5.42 -9.29 -8.95
N VAL B 401 6.07 -9.71 -10.03
CA VAL B 401 6.06 -11.10 -10.46
C VAL B 401 6.73 -11.98 -9.40
N GLY B 402 7.87 -11.52 -8.90
CA GLY B 402 8.62 -12.28 -7.91
C GLY B 402 7.91 -12.39 -6.58
N ASP B 403 7.32 -11.29 -6.10
CA ASP B 403 6.63 -11.31 -4.80
C ASP B 403 5.41 -12.21 -4.83
N HIS B 404 4.58 -11.97 -5.84
CA HIS B 404 3.32 -12.66 -6.02
C HIS B 404 3.49 -14.16 -6.22
N ASN B 405 4.46 -14.55 -7.05
CA ASN B 405 4.66 -15.98 -7.35
C ASN B 405 5.54 -16.77 -6.37
N VAL B 406 6.53 -16.13 -5.76
CA VAL B 406 7.53 -16.85 -4.96
C VAL B 406 7.75 -16.34 -3.52
N VAL B 407 8.23 -15.11 -3.39
CA VAL B 407 8.62 -14.58 -2.07
C VAL B 407 7.48 -14.61 -1.06
N CYS B 408 6.33 -14.07 -1.43
CA CYS B 408 5.20 -14.01 -0.49
C CYS B 408 4.58 -15.40 -0.17
N PRO B 409 4.37 -16.26 -1.18
CA PRO B 409 3.99 -17.63 -0.81
C PRO B 409 5.00 -18.34 0.12
N VAL B 410 6.29 -18.20 -0.15
CA VAL B 410 7.31 -18.75 0.74
C VAL B 410 7.22 -18.14 2.16
N ALA B 411 7.11 -16.80 2.22
CA ALA B 411 6.98 -16.11 3.50
C ALA B 411 5.76 -16.58 4.29
N GLN B 412 4.63 -16.72 3.62
CA GLN B 412 3.42 -17.20 4.27
C GLN B 412 3.60 -18.61 4.85
N LEU B 413 4.21 -19.50 4.05
CA LEU B 413 4.46 -20.86 4.52
C LEU B 413 5.39 -20.83 5.72
N ALA B 414 6.45 -20.02 5.62
CA ALA B 414 7.44 -19.95 6.70
C ALA B 414 6.83 -19.49 8.01
N GLY B 415 6.01 -18.44 7.93
CA GLY B 415 5.38 -17.87 9.10
C GLY B 415 4.37 -18.80 9.73
N ARG B 416 3.50 -19.39 8.92
CA ARG B 416 2.52 -20.33 9.46
C ARG B 416 3.17 -21.57 10.07
N LEU B 417 4.21 -22.08 9.41
CA LEU B 417 4.90 -23.27 9.90
C LEU B 417 5.55 -22.99 11.26
N ALA B 418 6.25 -21.87 11.35
CA ALA B 418 6.92 -21.47 12.58
C ALA B 418 5.91 -21.34 13.71
N ALA B 419 4.85 -20.56 13.45
CA ALA B 419 3.83 -20.27 14.46
C ALA B 419 3.06 -21.53 14.87
N GLN B 420 3.22 -22.63 14.15
CA GLN B 420 2.46 -23.83 14.46
C GLN B 420 3.33 -25.05 14.77
N GLY B 421 4.54 -24.81 15.25
CA GLY B 421 5.35 -25.88 15.81
C GLY B 421 6.68 -26.19 15.14
N ALA B 422 6.80 -25.83 13.86
CA ALA B 422 7.99 -26.19 13.09
C ALA B 422 9.16 -25.30 13.42
N ARG B 423 10.36 -25.85 13.45
CA ARG B 423 11.55 -25.01 13.47
C ARG B 423 11.90 -24.68 12.03
N VAL B 424 11.94 -23.38 11.71
CA VAL B 424 12.11 -22.93 10.33
C VAL B 424 13.38 -22.12 10.16
N TYR B 425 14.10 -22.34 9.06
CA TYR B 425 15.25 -21.51 8.72
C TYR B 425 15.05 -20.88 7.33
N ALA B 426 15.44 -19.62 7.19
CA ALA B 426 15.16 -18.91 5.94
C ALA B 426 16.37 -18.16 5.42
N TYR B 427 16.55 -18.18 4.10
CA TYR B 427 17.67 -17.52 3.48
C TYR B 427 17.18 -16.67 2.31
N VAL B 428 18.03 -15.74 1.88
CA VAL B 428 17.90 -15.09 0.60
C VAL B 428 19.26 -15.24 -0.06
N PHE B 429 19.26 -15.75 -1.28
CA PHE B 429 20.51 -16.07 -1.97
C PHE B 429 20.88 -14.90 -2.86
N GLU B 430 22.05 -14.32 -2.61
CA GLU B 430 22.35 -13.01 -3.18
C GLU B 430 23.60 -12.98 -4.03
N HIS B 431 24.13 -14.16 -4.34
CA HIS B 431 25.31 -14.20 -5.18
C HIS B 431 24.96 -14.43 -6.64
N ARG B 432 25.47 -13.55 -7.49
CA ARG B 432 25.32 -13.72 -8.92
C ARG B 432 26.54 -14.43 -9.50
N ALA B 433 26.33 -15.65 -10.01
CA ALA B 433 27.43 -16.46 -10.54
C ALA B 433 28.28 -15.73 -11.56
N SER B 434 29.59 -15.90 -11.47
CA SER B 434 30.52 -15.23 -12.38
C SER B 434 30.28 -15.67 -13.81
N THR B 435 29.67 -16.84 -13.97
CA THR B 435 29.49 -17.45 -15.28
C THR B 435 28.11 -17.19 -15.87
N LEU B 436 27.30 -16.39 -15.17
CA LEU B 436 25.92 -16.16 -15.59
C LEU B 436 25.89 -15.43 -16.94
N SER B 437 25.13 -15.99 -17.88
CA SER B 437 25.04 -15.41 -19.20
C SER B 437 23.81 -14.50 -19.40
N TRP B 438 22.87 -14.54 -18.46
CA TRP B 438 21.72 -13.63 -18.50
C TRP B 438 22.19 -12.20 -18.17
N PRO B 439 21.51 -11.19 -18.73
CA PRO B 439 22.01 -9.82 -18.57
C PRO B 439 22.01 -9.33 -17.12
N LEU B 440 22.79 -8.28 -16.86
CA LEU B 440 22.97 -7.76 -15.52
C LEU B 440 21.67 -7.28 -14.88
N TRP B 441 20.79 -6.70 -15.68
CA TRP B 441 19.53 -6.20 -15.14
C TRP B 441 18.68 -7.27 -14.43
N MET B 442 18.86 -8.54 -14.78
CA MET B 442 18.11 -9.60 -14.12
C MET B 442 18.58 -9.93 -12.71
N GLY B 443 19.72 -9.37 -12.29
CA GLY B 443 20.27 -9.63 -10.97
C GLY B 443 20.61 -11.10 -10.72
N VAL B 444 20.12 -11.63 -9.60
CA VAL B 444 20.25 -13.05 -9.29
C VAL B 444 18.91 -13.74 -9.57
N PRO B 445 18.76 -14.33 -10.78
CA PRO B 445 17.45 -14.81 -11.23
C PRO B 445 17.06 -16.17 -10.67
N HIS B 446 15.77 -16.45 -10.83
CA HIS B 446 15.16 -17.72 -10.46
C HIS B 446 15.98 -18.90 -10.99
N GLY B 447 16.30 -19.84 -10.11
CA GLY B 447 17.04 -21.03 -10.49
C GLY B 447 18.55 -21.01 -10.31
N TYR B 448 19.14 -19.84 -10.11
CA TYR B 448 20.60 -19.77 -10.14
C TYR B 448 21.36 -19.95 -8.82
N GLU B 449 20.67 -20.43 -7.80
CA GLU B 449 21.35 -20.84 -6.58
C GLU B 449 21.65 -22.34 -6.61
N ILE B 450 20.91 -23.07 -7.44
CA ILE B 450 20.94 -24.55 -7.44
C ILE B 450 22.34 -25.08 -7.67
N GLU B 451 23.01 -24.53 -8.68
CA GLU B 451 24.33 -24.99 -9.08
C GLU B 451 25.33 -24.89 -7.91
N PHE B 452 25.09 -23.93 -7.03
CA PHE B 452 25.94 -23.75 -5.85
C PHE B 452 25.62 -24.75 -4.76
N ILE B 453 24.33 -25.03 -4.55
CA ILE B 453 23.88 -26.03 -3.57
C ILE B 453 24.41 -27.42 -3.93
N PHE B 454 24.49 -27.71 -5.23
CA PHE B 454 24.96 -29.01 -5.69
C PHE B 454 26.48 -29.06 -5.81
N GLY B 455 27.14 -27.93 -5.58
CA GLY B 455 28.59 -27.88 -5.62
C GLY B 455 29.20 -27.94 -7.01
N ILE B 456 28.38 -27.66 -8.02
CA ILE B 456 28.85 -27.59 -9.41
C ILE B 456 30.15 -26.79 -9.61
N PRO B 457 30.38 -25.69 -8.85
CA PRO B 457 31.66 -25.01 -9.03
C PRO B 457 32.92 -25.86 -8.75
N LEU B 458 32.78 -26.97 -8.06
CA LEU B 458 33.92 -27.86 -7.85
C LEU B 458 34.28 -28.64 -9.12
N ASP B 459 33.47 -28.53 -10.15
CA ASP B 459 33.72 -29.23 -11.40
C ASP B 459 34.88 -28.54 -12.13
N PRO B 460 36.01 -29.24 -12.27
CA PRO B 460 37.24 -28.68 -12.85
C PRO B 460 37.02 -28.09 -14.25
N SER B 461 36.24 -28.77 -15.08
CA SER B 461 35.99 -28.33 -16.45
C SER B 461 35.24 -26.99 -16.53
N ARG B 462 34.70 -26.54 -15.40
CA ARG B 462 33.99 -25.27 -15.40
C ARG B 462 34.87 -24.12 -14.87
N ASN B 463 34.44 -22.89 -15.12
CA ASN B 463 35.31 -21.74 -14.88
C ASN B 463 34.83 -20.84 -13.76
N TYR B 464 34.49 -21.43 -12.61
CA TYR B 464 34.09 -20.65 -11.45
C TYR B 464 35.33 -20.13 -10.74
N THR B 465 35.20 -19.00 -10.04
CA THR B 465 36.31 -18.46 -9.26
C THR B 465 36.58 -19.36 -8.06
N ALA B 466 37.72 -19.15 -7.41
CA ALA B 466 38.04 -19.86 -6.17
C ALA B 466 37.05 -19.57 -5.04
N GLU B 467 36.62 -18.31 -4.92
CA GLU B 467 35.67 -17.89 -3.88
C GLU B 467 34.35 -18.62 -4.08
N GLU B 468 33.91 -18.68 -5.33
CA GLU B 468 32.70 -19.43 -5.64
C GLU B 468 32.84 -20.90 -5.23
N LYS B 469 34.05 -21.45 -5.34
CA LYS B 469 34.28 -22.82 -4.88
C LYS B 469 34.15 -22.92 -3.36
N ILE B 470 34.73 -21.95 -2.66
CA ILE B 470 34.60 -21.85 -1.20
C ILE B 470 33.14 -21.69 -0.78
N PHE B 471 32.43 -20.77 -1.45
CA PHE B 471 31.01 -20.53 -1.20
C PHE B 471 30.18 -21.81 -1.39
N ALA B 472 30.41 -22.51 -2.48
CA ALA B 472 29.71 -23.77 -2.74
C ALA B 472 29.88 -24.76 -1.58
N GLN B 473 31.12 -24.88 -1.09
CA GLN B 473 31.40 -25.76 0.02
C GLN B 473 30.64 -25.39 1.29
N ARG B 474 30.49 -24.08 1.54
CA ARG B 474 29.71 -23.59 2.67
C ARG B 474 28.26 -24.02 2.56
N LEU B 475 27.67 -23.77 1.39
CA LEU B 475 26.26 -24.09 1.17
C LEU B 475 26.00 -25.58 1.34
N MET B 476 26.84 -26.41 0.72
CA MET B 476 26.68 -27.86 0.84
C MET B 476 26.72 -28.26 2.31
N ARG B 477 27.60 -27.61 3.05
CA ARG B 477 27.72 -27.86 4.49
C ARG B 477 26.43 -27.51 5.22
N TYR B 478 25.88 -26.32 4.97
CA TYR B 478 24.59 -25.90 5.55
C TYR B 478 23.49 -26.91 5.26
N TRP B 479 23.30 -27.21 3.97
CA TRP B 479 22.26 -28.16 3.56
C TRP B 479 22.42 -29.54 4.20
N ALA B 480 23.66 -30.05 4.24
CA ALA B 480 23.88 -31.39 4.79
C ALA B 480 23.73 -31.40 6.30
N ASN B 481 24.20 -30.33 6.95
CA ASN B 481 23.99 -30.17 8.38
C ASN B 481 22.50 -30.21 8.70
N PHE B 482 21.72 -29.48 7.91
CA PHE B 482 20.27 -29.49 8.10
C PHE B 482 19.70 -30.88 7.85
N ALA B 483 20.16 -31.54 6.79
CA ALA B 483 19.76 -32.91 6.51
C ALA B 483 20.07 -33.80 7.70
N ARG B 484 21.29 -33.71 8.20
CA ARG B 484 21.71 -34.52 9.35
C ARG B 484 21.01 -34.20 10.67
N THR B 485 20.91 -32.92 11.01
CA THR B 485 20.50 -32.51 12.36
C THR B 485 19.21 -31.69 12.44
N GLY B 486 18.72 -31.22 11.29
CA GLY B 486 17.57 -30.33 11.27
C GLY B 486 17.98 -28.91 11.58
N ASP B 487 19.29 -28.66 11.56
CA ASP B 487 19.86 -27.37 11.91
C ASP B 487 21.09 -27.16 11.04
N PRO B 488 21.08 -26.09 10.22
CA PRO B 488 22.18 -25.84 9.29
C PRO B 488 23.46 -25.34 9.98
N ASN B 489 23.36 -24.96 11.26
CA ASN B 489 24.51 -24.39 11.96
C ASN B 489 25.58 -25.42 12.31
N GLU B 490 26.83 -24.99 12.18
CA GLU B 490 28.00 -25.82 12.47
C GLU B 490 28.05 -26.29 13.92
N PRO B 491 27.83 -27.61 14.14
CA PRO B 491 27.76 -28.20 15.47
C PRO B 491 29.06 -28.01 16.26
N PRO B 494 30.89 -22.73 16.22
CA PRO B 494 32.07 -22.13 16.86
C PRO B 494 31.99 -20.60 16.93
N LYS B 495 32.97 -19.92 16.34
CA LYS B 495 32.99 -18.46 16.30
C LYS B 495 32.18 -17.95 15.10
N ALA B 496 31.90 -18.86 14.17
CA ALA B 496 31.12 -18.57 12.97
C ALA B 496 29.76 -17.96 13.31
N PRO B 497 29.32 -16.96 12.53
CA PRO B 497 28.02 -16.30 12.74
C PRO B 497 26.88 -17.31 12.64
N GLN B 498 25.91 -17.19 13.54
CA GLN B 498 24.85 -18.18 13.62
C GLN B 498 23.66 -17.83 12.73
N TRP B 499 23.01 -18.86 12.23
CA TRP B 499 21.81 -18.74 11.43
C TRP B 499 20.61 -19.00 12.36
N PRO B 500 19.90 -17.94 12.75
CA PRO B 500 18.82 -18.09 13.72
C PRO B 500 17.55 -18.59 13.05
N PRO B 501 16.69 -19.26 13.81
CA PRO B 501 15.37 -19.66 13.30
C PRO B 501 14.56 -18.48 12.79
N TYR B 502 13.70 -18.74 11.82
CA TYR B 502 12.76 -17.74 11.33
C TYR B 502 11.48 -17.87 12.17
N THR B 503 10.90 -16.74 12.56
CA THR B 503 9.67 -16.77 13.36
C THR B 503 8.70 -15.72 12.83
N ALA B 504 7.42 -15.87 13.13
CA ALA B 504 6.39 -14.94 12.62
C ALA B 504 6.63 -13.49 13.06
N GLY B 505 7.21 -13.31 14.25
CA GLY B 505 7.44 -11.97 14.77
C GLY B 505 8.77 -11.36 14.32
N ALA B 506 9.87 -11.94 14.78
CA ALA B 506 11.18 -11.41 14.42
C ALA B 506 11.47 -11.56 12.92
N GLN B 507 10.95 -12.62 12.30
CA GLN B 507 11.09 -12.83 10.86
C GLN B 507 12.54 -12.80 10.36
N GLN B 508 13.44 -13.41 11.13
CA GLN B 508 14.86 -13.36 10.76
C GLN B 508 15.25 -14.37 9.67
N TYR B 509 16.11 -13.92 8.76
CA TYR B 509 16.66 -14.79 7.72
C TYR B 509 18.12 -14.39 7.50
N VAL B 510 18.88 -15.22 6.80
CA VAL B 510 20.26 -14.86 6.47
C VAL B 510 20.46 -14.64 4.98
N SER B 511 21.38 -13.74 4.65
CA SER B 511 21.82 -13.56 3.28
C SER B 511 22.93 -14.56 2.98
N LEU B 512 22.83 -15.23 1.85
CA LEU B 512 23.87 -16.16 1.43
C LEU B 512 24.56 -15.58 0.23
N ASP B 513 25.83 -15.22 0.43
CA ASP B 513 26.69 -14.77 -0.66
C ASP B 513 28.15 -14.99 -0.27
N LEU B 514 29.06 -14.37 -1.00
CA LEU B 514 30.49 -14.50 -0.71
C LEU B 514 30.88 -13.99 0.69
N ARG B 515 30.22 -12.94 1.17
CA ARG B 515 30.47 -12.40 2.52
C ARG B 515 29.90 -13.35 3.57
N PRO B 516 30.31 -13.21 4.85
CA PRO B 516 29.76 -14.07 5.91
C PRO B 516 28.26 -13.84 6.12
N LEU B 517 27.59 -14.75 6.82
CA LEU B 517 26.17 -14.60 7.13
C LEU B 517 25.86 -13.26 7.75
N GLU B 518 24.93 -12.54 7.15
CA GLU B 518 24.36 -11.34 7.74
C GLU B 518 22.89 -11.64 8.04
N VAL B 519 22.46 -11.36 9.27
CA VAL B 519 21.08 -11.61 9.67
C VAL B 519 20.22 -10.39 9.35
N ARG B 520 19.03 -10.63 8.82
CA ARG B 520 18.12 -9.54 8.46
C ARG B 520 16.68 -9.86 8.85
N ARG B 521 15.80 -8.87 8.74
CA ARG B 521 14.41 -9.05 9.16
C ARG B 521 13.43 -8.86 8.01
N GLY B 522 12.43 -9.73 7.95
CA GLY B 522 11.34 -9.60 7.02
C GLY B 522 11.63 -10.05 5.60
N LEU B 523 10.85 -11.02 5.13
CA LEU B 523 10.93 -11.47 3.75
C LEU B 523 9.99 -10.60 2.90
N ARG B 524 10.46 -9.44 2.45
N ARG B 524 10.49 -9.45 2.47
CA ARG B 524 9.61 -8.48 1.74
CA ARG B 524 9.69 -8.43 1.80
C ARG B 524 8.32 -8.21 2.53
C ARG B 524 8.35 -8.20 2.52
N ALA B 525 8.45 -7.94 3.82
CA ALA B 525 7.30 -7.87 4.72
C ALA B 525 6.16 -6.91 4.33
N GLN B 526 6.52 -5.70 3.93
CA GLN B 526 5.52 -4.72 3.53
C GLN B 526 4.82 -5.16 2.27
N ALA B 527 5.59 -5.65 1.30
CA ALA B 527 5.02 -6.18 0.07
C ALA B 527 4.15 -7.40 0.36
N CYS B 528 4.66 -8.32 1.15
CA CYS B 528 3.94 -9.56 1.40
C CYS B 528 2.67 -9.42 2.24
N ALA B 529 2.58 -8.34 3.01
CA ALA B 529 1.36 -8.06 3.74
C ALA B 529 0.25 -7.77 2.73
N PHE B 530 0.59 -7.06 1.65
CA PHE B 530 -0.35 -6.84 0.57
C PHE B 530 -0.85 -8.16 -0.03
N TRP B 531 0.06 -9.04 -0.44
CA TRP B 531 -0.34 -10.28 -1.13
C TRP B 531 -1.00 -11.31 -0.20
N ASN B 532 -0.48 -11.41 1.02
CA ASN B 532 -0.96 -12.44 1.94
C ASN B 532 -2.13 -12.03 2.86
N ARG B 533 -2.24 -10.74 3.19
CA ARG B 533 -3.26 -10.31 4.13
C ARG B 533 -4.40 -9.50 3.52
N PHE B 534 -4.07 -8.60 2.61
CA PHE B 534 -5.10 -7.72 2.05
C PHE B 534 -5.76 -8.19 0.76
N LEU B 535 -4.95 -8.43 -0.27
CA LEU B 535 -5.46 -8.82 -1.59
C LEU B 535 -6.50 -9.97 -1.58
N PRO B 536 -6.30 -11.01 -0.77
CA PRO B 536 -7.33 -12.06 -0.72
C PRO B 536 -8.68 -11.54 -0.23
N LYS B 537 -8.68 -10.55 0.66
CA LYS B 537 -9.93 -9.96 1.15
C LYS B 537 -10.59 -9.15 0.04
N LEU B 538 -9.79 -8.53 -0.80
CA LEU B 538 -10.30 -7.77 -1.94
C LEU B 538 -10.93 -8.70 -2.97
N LEU B 539 -10.37 -9.90 -3.12
CA LEU B 539 -10.90 -10.86 -4.09
C LEU B 539 -12.21 -11.52 -3.61
N SER B 540 -12.40 -11.62 -2.30
CA SER B 540 -13.65 -12.12 -1.72
C SER B 540 -14.80 -11.10 -1.80
N ALA B 541 -14.47 -9.85 -2.11
CA ALA B 541 -15.46 -8.77 -2.10
C ALA B 541 -15.47 -7.94 -3.38
C1 NAG C . -3.51 7.78 28.78
C2 NAG C . -3.42 6.28 29.12
C3 NAG C . -4.67 5.48 28.78
C4 NAG C . -5.97 6.21 29.08
C5 NAG C . -5.87 7.65 28.56
C6 NAG C . -7.11 8.47 28.87
C7 NAG C . -1.13 5.45 29.01
C8 NAG C . -1.18 4.91 30.42
N2 NAG C . -2.30 5.67 28.42
O3 NAG C . -4.66 4.25 29.48
O4 NAG C . -7.01 5.49 28.45
O5 NAG C . -4.77 8.27 29.19
O6 NAG C . -7.50 8.23 30.20
O7 NAG C . -0.05 5.68 28.46
C1 NAG C . -8.13 5.24 29.38
C2 NAG C . -9.42 5.02 28.57
C3 NAG C . -10.61 4.53 29.42
C4 NAG C . -10.21 3.64 30.60
C5 NAG C . -8.93 4.14 31.25
C6 NAG C . -8.49 3.29 32.43
C7 NAG C . -9.67 6.35 26.55
C8 NAG C . -9.62 7.74 26.00
N2 NAG C . -9.77 6.24 27.88
O3 NAG C . -11.49 3.84 28.58
O4 NAG C . -11.25 3.61 31.56
O5 NAG C . -7.90 4.18 30.28
O6 NAG C . -7.49 3.99 33.14
O7 NAG C . -9.61 5.38 25.79
C1 FUC C . -7.86 9.44 30.88
C2 FUC C . -8.52 9.00 32.19
C3 FUC C . -7.47 8.32 33.08
C4 FUC C . -6.33 9.30 33.37
C5 FUC C . -5.73 9.74 32.03
C6 FUC C . -4.60 10.76 32.15
O2 FUC C . -9.63 8.14 31.95
O3 FUC C . -8.04 7.90 34.32
O4 FUC C . -6.83 10.45 34.05
O5 FUC C . -6.75 10.28 31.12
C1 NAG D . 14.20 -4.19 -26.12
C2 NAG D . 13.54 -2.99 -26.80
C3 NAG D . 12.03 -3.21 -27.00
C4 NAG D . 11.79 -4.51 -27.75
C5 NAG D . 12.49 -5.63 -26.98
C6 NAG D . 12.30 -6.99 -27.66
C7 NAG D . 14.50 -0.78 -26.55
C8 NAG D . 15.13 -0.98 -27.90
N2 NAG D . 13.77 -1.78 -26.05
O3 NAG D . 11.45 -2.13 -27.67
O4 NAG D . 10.38 -4.72 -27.81
O5 NAG D . 13.87 -5.36 -26.84
O6 NAG D . 12.51 -6.84 -29.04
O7 NAG D . 14.66 0.29 -25.94
C1 NAG D . 9.90 -4.97 -29.18
C2 NAG D . 8.58 -5.72 -29.11
C3 NAG D . 8.09 -6.12 -30.50
C4 NAG D . 8.09 -4.89 -31.43
C5 NAG D . 9.40 -4.11 -31.33
C6 NAG D . 9.31 -2.82 -32.13
C7 NAG D . 8.16 -6.87 -27.03
C8 NAG D . 8.45 -8.05 -26.15
N2 NAG D . 8.69 -6.88 -28.25
O3 NAG D . 6.78 -6.63 -30.41
O4 NAG D . 7.90 -5.32 -32.76
O5 NAG D . 9.73 -3.81 -29.97
O6 NAG D . 10.48 -2.06 -31.93
O7 NAG D . 7.47 -5.93 -26.61
C1 FUC D . 13.46 -7.82 -29.55
C2 FUC D . 13.41 -7.73 -31.05
C3 FUC D . 13.97 -6.37 -31.53
C4 FUC D . 15.43 -6.21 -31.02
C5 FUC D . 15.48 -6.44 -29.48
C6 FUC D . 16.90 -6.53 -28.92
O2 FUC D . 12.08 -7.90 -31.52
O3 FUC D . 14.01 -6.30 -32.94
O4 FUC D . 16.28 -7.14 -31.70
O5 FUC D . 14.77 -7.64 -29.04
C1 E20 E . -16.42 15.47 18.90
C2 E20 E . -16.66 16.53 19.77
C3 E20 E . -15.93 17.70 19.67
C4 E20 E . -14.93 17.82 18.70
C5 E20 E . -14.66 16.78 17.83
C6 E20 E . -15.42 15.59 17.93
C7 E20 E . -13.57 17.15 16.88
C8 E20 E . -13.10 18.55 17.21
C9 E20 E . -13.99 18.98 18.38
C10 E20 E . -11.60 18.64 17.48
C11 E20 E . -11.02 20.03 17.14
C12 E20 E . -11.45 21.11 18.08
C13 E20 E . -10.82 22.45 17.83
N14 E20 E . -9.35 22.42 17.69
C15 E20 E . -8.96 21.34 16.78
C16 E20 E . -9.50 20.01 17.20
C17 E20 E . -8.63 23.68 17.72
C18 E20 E . -8.77 24.45 16.41
C19 E20 E . -9.88 25.26 16.16
C20 E20 E . -10.00 25.95 14.95
C21 E20 E . -9.00 25.84 13.98
C22 E20 E . -7.89 25.02 14.23
C23 E20 E . -7.76 24.33 15.43
O24 E20 E . -13.14 16.41 15.97
O25 E20 E . -17.17 14.32 19.02
C26 E20 E . -17.01 13.26 18.16
O27 E20 E . -17.67 16.41 20.72
C28 E20 E . -17.96 17.52 21.54
C1 EDO F . 2.76 1.58 12.91
O1 EDO F . 2.56 1.78 11.50
C2 EDO F . 2.51 0.13 13.29
O2 EDO F . 3.32 -0.80 12.54
C1 EDO G . 0.94 12.04 -5.97
O1 EDO G . 0.63 12.26 -7.35
C2 EDO G . 0.12 10.86 -5.43
O2 EDO G . -1.28 11.09 -5.61
C1 NAG H . -18.39 -44.20 -21.06
C2 NAG H . -19.50 -44.75 -20.17
C3 NAG H . -19.06 -46.08 -19.58
C4 NAG H . -18.75 -47.05 -20.70
C5 NAG H . -17.70 -46.43 -21.64
C6 NAG H . -17.30 -47.34 -22.81
C7 NAG H . -21.09 -43.20 -19.15
C8 NAG H . -21.61 -42.69 -17.83
N2 NAG H . -19.89 -43.80 -19.13
O3 NAG H . -20.07 -46.60 -18.74
O4 NAG H . -18.31 -48.29 -20.17
O5 NAG H . -18.11 -45.13 -22.10
O6 NAG H . -18.40 -48.05 -23.35
O7 NAG H . -21.77 -43.05 -20.17
C1 E20 I . 5.09 -18.97 -21.67
C2 E20 I . 5.81 -19.90 -22.36
C3 E20 I . 6.91 -20.51 -21.78
C4 E20 I . 7.30 -20.17 -20.48
C5 E20 I . 6.58 -19.24 -19.77
C6 E20 I . 5.45 -18.62 -20.36
C7 E20 I . 7.19 -19.07 -18.42
C8 E20 I . 8.42 -19.96 -18.29
C9 E20 I . 8.46 -20.69 -19.63
C10 E20 I . 9.69 -19.18 -17.93
C11 E20 I . 10.76 -20.03 -17.21
C12 E20 I . 11.46 -21.01 -18.11
C13 E20 I . 12.55 -21.78 -17.44
N14 E20 I . 13.51 -20.96 -16.68
C15 E20 I . 12.85 -19.92 -15.90
C16 E20 I . 11.87 -19.12 -16.69
C17 E20 I . 14.71 -21.64 -16.18
C18 E20 I . 14.41 -22.54 -14.99
C19 E20 I . 14.00 -23.86 -15.19
C20 E20 I . 13.73 -24.70 -14.09
C21 E20 I . 13.84 -24.19 -12.79
C22 E20 I . 14.24 -22.86 -12.58
C23 E20 I . 14.53 -22.03 -13.67
O24 E20 I . 6.76 -18.33 -17.52
O25 E20 I . 4.01 -18.42 -22.32
C26 E20 I . 3.15 -17.57 -21.67
O27 E20 I . 5.44 -20.23 -23.68
C28 E20 I . 6.16 -21.21 -24.38
C1 EDO J . 7.58 3.39 -10.75
O1 EDO J . 7.14 4.43 -9.87
C2 EDO J . 8.36 2.31 -10.02
O2 EDO J . 7.68 1.92 -8.82
N NO3 K . -14.70 -31.12 -12.30
O1 NO3 K . -14.98 -31.56 -11.00
O2 NO3 K . -14.97 -29.80 -12.66
O3 NO3 K . -14.14 -32.00 -13.23
N NO3 L . 3.78 -10.10 7.05
O1 NO3 L . 2.55 -10.36 6.42
O2 NO3 L . 4.71 -9.31 6.38
O3 NO3 L . 4.11 -10.60 8.33
#